data_6KMO
#
_entry.id   6KMO
#
_cell.length_a   65.086
_cell.length_b   89.396
_cell.length_c   68.929
_cell.angle_alpha   90.000
_cell.angle_beta   111.256
_cell.angle_gamma   90.000
#
_symmetry.space_group_name_H-M   'P 1 21 1'
#
loop_
_entity.id
_entity.type
_entity.pdbx_description
1 polymer 'Alpha/beta hydrolase'
2 water water
#
_entity_poly.entity_id   1
_entity_poly.type   'polypeptide(L)'
_entity_poly.pdbx_seq_one_letter_code
;MKTLTAILISSVFASAAASAQTANTPTPTAGVQAFLNVLNSGKGKPMEQMTPQEARQVLIGAQQGAKLPPAQVSEKTIQV
NGQAIKLKIVKPENASGTLPAFMFFHGGGWVLGDFPTHERLIRDLVRASGAAAVYVDYTPSPEAHFPVAINQAYEATKWV
AEHGQEIGVDGSRLGLVGNSVGGNMVASVALQAKQFNGPKIRYNVMLWPVTDANFDTASYNQFENGYFLSKNMMKWFWDN
YTTSAADRNNILASPLRASTAQLKGFPETLIQTAELDVLRDEGEAFGRKLDAAGVPVTVTRYNGMIHDYGLLNPLSQEPT
VKVALEQAGAALHEHLK
;
_entity_poly.pdbx_strand_id   A,B
#
# COMPACT_ATOMS: atom_id res chain seq x y z
N THR A 3 13.13 31.21 21.79
CA THR A 3 12.36 31.07 23.03
C THR A 3 11.43 29.86 22.95
N LEU A 4 10.40 29.92 22.10
CA LEU A 4 9.85 28.65 21.62
C LEU A 4 10.93 27.91 20.84
N THR A 5 11.60 28.64 19.97
CA THR A 5 12.80 28.13 19.32
C THR A 5 13.82 27.64 20.35
N ALA A 6 13.98 28.38 21.45
CA ALA A 6 14.97 27.98 22.44
C ALA A 6 14.69 26.57 22.96
N ILE A 7 13.42 26.26 23.20
CA ILE A 7 13.08 24.93 23.68
C ILE A 7 13.33 23.91 22.57
N LEU A 8 13.01 24.27 21.32
CA LEU A 8 13.10 23.31 20.23
C LEU A 8 14.53 22.89 19.92
N ILE A 9 15.51 23.78 20.16
CA ILE A 9 16.91 23.43 19.92
C ILE A 9 17.57 22.86 21.17
N SER A 10 16.83 22.71 22.26
CA SER A 10 17.41 22.35 23.54
C SER A 10 17.56 20.84 23.72
N SER A 11 18.18 20.49 24.85
CA SER A 11 18.34 19.08 25.22
C SER A 11 17.02 18.34 25.42
N VAL A 12 15.90 19.06 25.55
CA VAL A 12 14.60 18.38 25.63
C VAL A 12 14.44 17.40 24.49
N PHE A 13 14.94 17.77 23.31
CA PHE A 13 14.74 16.99 22.09
C PHE A 13 15.99 16.31 21.60
N ALA A 14 17.06 16.25 22.39
CA ALA A 14 18.24 15.53 21.95
C ALA A 14 17.93 14.05 21.84
N SER A 15 18.47 13.42 20.79
N SER A 15 18.45 13.42 20.79
CA SER A 15 18.35 11.97 20.66
CA SER A 15 18.22 11.98 20.65
C SER A 15 18.84 11.32 21.93
C SER A 15 18.83 11.26 21.84
N ALA A 16 18.00 10.45 22.50
CA ALA A 16 18.46 9.63 23.61
C ALA A 16 19.21 8.42 23.07
N ALA A 17 18.71 7.87 21.98
CA ALA A 17 19.26 6.68 21.35
C ALA A 17 20.56 7.01 20.61
N ALA A 23 20.12 -0.22 9.70
CA ALA A 23 20.08 -1.33 8.75
C ALA A 23 18.64 -1.86 8.66
N ASN A 24 18.09 -1.83 7.45
CA ASN A 24 16.65 -2.05 7.23
C ASN A 24 16.38 -3.54 6.99
N THR A 25 16.55 -4.31 8.06
CA THR A 25 16.46 -5.77 8.07
C THR A 25 15.00 -6.19 8.24
N PRO A 26 14.50 -7.16 7.46
CA PRO A 26 13.10 -7.57 7.62
C PRO A 26 12.87 -8.22 8.98
N THR A 27 11.85 -7.74 9.68
N THR A 27 11.89 -7.70 9.71
CA THR A 27 11.47 -8.30 10.96
CA THR A 27 11.47 -8.27 10.99
C THR A 27 9.97 -8.16 11.10
C THR A 27 9.95 -8.17 11.08
N PRO A 28 9.29 -9.12 11.73
CA PRO A 28 7.85 -9.00 11.93
C PRO A 28 7.53 -7.82 12.82
N THR A 29 6.34 -7.26 12.65
CA THR A 29 5.86 -6.32 13.65
C THR A 29 5.68 -7.04 14.98
N ALA A 30 5.47 -6.26 16.03
CA ALA A 30 5.29 -6.86 17.35
C ALA A 30 4.07 -7.78 17.38
N GLY A 31 2.97 -7.36 16.76
CA GLY A 31 1.78 -8.18 16.75
C GLY A 31 1.96 -9.45 15.94
N VAL A 32 2.65 -9.36 14.81
CA VAL A 32 2.90 -10.57 14.03
C VAL A 32 3.85 -11.50 14.77
N GLN A 33 4.85 -10.94 15.44
CA GLN A 33 5.76 -11.76 16.23
C GLN A 33 5.03 -12.47 17.35
N ALA A 34 4.08 -11.80 18.01
CA ALA A 34 3.30 -12.45 19.06
C ALA A 34 2.53 -13.63 18.51
N PHE A 35 1.94 -13.47 17.33
CA PHE A 35 1.23 -14.57 16.69
C PHE A 35 2.17 -15.72 16.35
N LEU A 36 3.33 -15.40 15.77
CA LEU A 36 4.28 -16.45 15.45
C LEU A 36 4.75 -17.19 16.69
N ASN A 37 4.90 -16.47 17.81
CA ASN A 37 5.37 -17.15 19.02
C ASN A 37 4.33 -18.14 19.51
N VAL A 38 3.05 -17.80 19.42
CA VAL A 38 2.01 -18.77 19.77
C VAL A 38 2.04 -19.95 18.82
N LEU A 39 2.07 -19.66 17.52
CA LEU A 39 2.04 -20.70 16.49
C LEU A 39 3.22 -21.65 16.62
N ASN A 40 4.42 -21.09 16.75
CA ASN A 40 5.65 -21.89 16.75
C ASN A 40 5.91 -22.55 18.10
N SER A 41 5.06 -22.26 19.09
CA SER A 41 5.09 -22.95 20.37
C SER A 41 4.46 -24.33 20.28
N GLY A 42 3.57 -24.54 19.32
CA GLY A 42 2.89 -25.81 19.21
C GLY A 42 3.86 -26.92 18.86
N LYS A 43 3.60 -28.11 19.40
CA LYS A 43 4.49 -29.24 19.24
C LYS A 43 3.94 -30.27 18.27
N GLY A 44 2.91 -29.92 17.51
CA GLY A 44 2.40 -30.79 16.48
C GLY A 44 3.38 -30.96 15.33
N LYS A 45 3.06 -31.89 14.45
CA LYS A 45 3.96 -32.18 13.37
C LYS A 45 3.77 -31.17 12.23
N PRO A 46 4.74 -31.12 11.32
CA PRO A 46 4.61 -30.21 10.18
C PRO A 46 3.39 -30.54 9.35
N MET A 47 2.78 -29.48 8.79
CA MET A 47 1.53 -29.66 8.05
C MET A 47 1.71 -30.65 6.90
N GLU A 48 2.86 -30.64 6.22
CA GLU A 48 3.04 -31.52 5.08
C GLU A 48 3.07 -32.99 5.45
N GLN A 49 3.11 -33.31 6.75
CA GLN A 49 3.02 -34.70 7.21
C GLN A 49 1.60 -35.08 7.62
N MET A 50 0.65 -34.16 7.49
CA MET A 50 -0.74 -34.40 7.87
C MET A 50 -1.54 -34.94 6.68
N THR A 51 -2.68 -35.56 6.98
CA THR A 51 -3.63 -35.84 5.94
C THR A 51 -4.27 -34.53 5.49
N PRO A 52 -4.85 -34.48 4.29
CA PRO A 52 -5.60 -33.27 3.91
C PRO A 52 -6.63 -32.88 4.93
N GLN A 53 -7.34 -33.85 5.51
CA GLN A 53 -8.37 -33.54 6.49
C GLN A 53 -7.77 -32.91 7.74
N GLU A 54 -6.68 -33.48 8.26
CA GLU A 54 -6.02 -32.90 9.42
C GLU A 54 -5.56 -31.47 9.14
N ALA A 55 -4.94 -31.26 7.98
CA ALA A 55 -4.43 -29.94 7.62
C ALA A 55 -5.57 -28.94 7.50
N ARG A 56 -6.68 -29.35 6.89
CA ARG A 56 -7.82 -28.46 6.76
C ARG A 56 -8.31 -28.00 8.12
N GLN A 57 -8.32 -28.89 9.10
CA GLN A 57 -8.80 -28.55 10.44
C GLN A 57 -7.93 -27.53 11.12
N VAL A 58 -6.62 -27.48 10.78
CA VAL A 58 -5.75 -26.46 11.35
C VAL A 58 -6.24 -25.07 10.96
N LEU A 59 -6.51 -24.86 9.68
CA LEU A 59 -6.96 -23.54 9.25
C LEU A 59 -8.38 -23.26 9.75
N ILE A 60 -9.24 -24.27 9.72
CA ILE A 60 -10.59 -24.08 10.24
C ILE A 60 -10.54 -23.58 11.68
N GLY A 61 -9.74 -24.22 12.52
CA GLY A 61 -9.67 -23.83 13.92
C GLY A 61 -9.02 -22.48 14.15
N ALA A 62 -7.99 -22.16 13.37
CA ALA A 62 -7.36 -20.86 13.50
C ALA A 62 -8.35 -19.74 13.23
N GLN A 63 -9.31 -19.98 12.34
CA GLN A 63 -10.22 -18.94 11.88
C GLN A 63 -11.54 -18.94 12.64
N GLN A 64 -11.86 -20.02 13.33
CA GLN A 64 -13.16 -20.16 13.96
C GLN A 64 -13.33 -19.16 15.09
N GLY A 65 -14.57 -18.71 15.25
CA GLY A 65 -14.92 -17.91 16.42
C GLY A 65 -14.58 -16.46 16.34
N ALA A 66 -14.27 -15.96 15.15
CA ALA A 66 -13.87 -14.58 14.99
C ALA A 66 -15.10 -13.67 14.90
N LYS A 67 -14.94 -12.45 15.40
CA LYS A 67 -15.95 -11.43 15.23
C LYS A 67 -16.03 -11.04 13.75
N LEU A 68 -17.24 -11.08 13.19
CA LEU A 68 -17.43 -10.71 11.80
C LEU A 68 -18.04 -9.32 11.70
N PRO A 69 -17.50 -8.45 10.86
CA PRO A 69 -18.14 -7.15 10.69
C PRO A 69 -19.43 -7.28 9.93
N PRO A 70 -20.38 -6.36 10.12
CA PRO A 70 -21.69 -6.51 9.49
C PRO A 70 -21.63 -6.59 7.97
N ALA A 71 -22.39 -7.53 7.43
CA ALA A 71 -22.54 -7.73 5.99
C ALA A 71 -23.72 -8.67 5.78
N GLN A 72 -24.20 -8.74 4.55
CA GLN A 72 -25.25 -9.66 4.14
C GLN A 72 -24.63 -10.82 3.37
N VAL A 73 -25.02 -12.04 3.71
CA VAL A 73 -24.51 -13.24 3.04
C VAL A 73 -25.67 -14.05 2.49
N SER A 74 -25.55 -14.48 1.24
CA SER A 74 -26.52 -15.37 0.61
C SER A 74 -25.79 -16.42 -0.21
N GLU A 75 -26.55 -17.34 -0.78
CA GLU A 75 -25.99 -18.48 -1.47
C GLU A 75 -26.75 -18.72 -2.76
N LYS A 76 -26.04 -19.25 -3.75
CA LYS A 76 -26.67 -19.65 -5.00
C LYS A 76 -25.83 -20.75 -5.61
N THR A 77 -26.47 -21.81 -6.08
CA THR A 77 -25.81 -22.85 -6.85
C THR A 77 -26.18 -22.66 -8.31
N ILE A 78 -25.16 -22.55 -9.16
CA ILE A 78 -25.36 -22.35 -10.58
C ILE A 78 -25.05 -23.65 -11.30
N GLN A 79 -25.64 -23.82 -12.49
CA GLN A 79 -25.41 -24.99 -13.33
C GLN A 79 -24.70 -24.53 -14.59
N VAL A 80 -23.46 -24.98 -14.77
CA VAL A 80 -22.63 -24.67 -15.92
C VAL A 80 -22.17 -25.98 -16.54
N ASN A 81 -22.46 -26.19 -17.81
CA ASN A 81 -21.96 -27.36 -18.52
C ASN A 81 -22.19 -28.64 -17.70
N GLY A 82 -23.42 -28.80 -17.21
CA GLY A 82 -23.78 -30.00 -16.47
C GLY A 82 -23.25 -30.07 -15.05
N GLN A 83 -22.25 -29.28 -14.70
CA GLN A 83 -21.71 -29.27 -13.35
C GLN A 83 -22.33 -28.13 -12.54
N ALA A 84 -22.54 -28.40 -11.26
CA ALA A 84 -23.06 -27.42 -10.33
C ALA A 84 -21.89 -26.74 -9.64
N ILE A 85 -22.00 -25.44 -9.42
CA ILE A 85 -20.97 -24.66 -8.73
C ILE A 85 -21.67 -23.86 -7.64
N LYS A 86 -21.27 -24.04 -6.39
CA LYS A 86 -21.82 -23.28 -5.27
C LYS A 86 -21.13 -21.93 -5.14
N LEU A 87 -21.93 -20.87 -5.01
CA LEU A 87 -21.46 -19.51 -4.79
C LEU A 87 -21.93 -19.01 -3.44
N LYS A 88 -21.12 -18.19 -2.79
CA LYS A 88 -21.54 -17.42 -1.63
C LYS A 88 -21.40 -15.96 -2.00
N ILE A 89 -22.46 -15.17 -1.79
CA ILE A 89 -22.52 -13.79 -2.22
C ILE A 89 -22.55 -12.91 -0.97
N VAL A 90 -21.63 -11.97 -0.89
CA VAL A 90 -21.49 -11.11 0.29
C VAL A 90 -21.67 -9.68 -0.16
N LYS A 91 -22.55 -8.94 0.51
CA LYS A 91 -22.86 -7.57 0.18
C LYS A 91 -22.79 -6.69 1.41
N PRO A 92 -22.61 -5.37 1.24
CA PRO A 92 -22.65 -4.48 2.39
C PRO A 92 -23.98 -4.61 3.12
N GLU A 93 -23.94 -4.32 4.42
CA GLU A 93 -25.05 -4.61 5.31
C GLU A 93 -26.32 -3.93 4.84
N ASN A 94 -26.21 -2.70 4.37
CA ASN A 94 -27.39 -1.94 3.96
C ASN A 94 -27.58 -1.95 2.45
N ALA A 95 -27.03 -2.96 1.79
CA ALA A 95 -27.19 -3.08 0.36
C ALA A 95 -28.65 -3.27 -0.02
N SER A 96 -29.06 -2.52 -1.02
CA SER A 96 -30.24 -2.79 -1.83
C SER A 96 -30.08 -1.85 -3.01
N GLY A 97 -30.24 -2.38 -4.21
CA GLY A 97 -29.79 -1.69 -5.39
C GLY A 97 -28.70 -2.52 -6.03
N THR A 98 -28.61 -2.42 -7.33
CA THR A 98 -27.65 -3.21 -8.09
C THR A 98 -26.24 -2.74 -7.72
N LEU A 99 -25.33 -3.69 -7.60
CA LEU A 99 -23.96 -3.38 -7.24
C LEU A 99 -23.00 -3.94 -8.27
N PRO A 100 -21.84 -3.33 -8.46
CA PRO A 100 -20.75 -4.03 -9.14
C PRO A 100 -20.26 -5.15 -8.24
N ALA A 101 -19.43 -6.01 -8.79
CA ALA A 101 -19.02 -7.20 -8.05
C ALA A 101 -17.56 -7.54 -8.32
N PHE A 102 -17.02 -8.36 -7.42
CA PHE A 102 -15.77 -9.05 -7.65
C PHE A 102 -15.93 -10.53 -7.34
N MET A 103 -15.38 -11.37 -8.19
CA MET A 103 -15.23 -12.78 -7.84
C MET A 103 -14.19 -12.86 -6.73
N PHE A 104 -14.39 -13.83 -5.83
CA PHE A 104 -13.45 -14.05 -4.73
C PHE A 104 -12.96 -15.48 -4.75
N PHE A 105 -11.65 -15.65 -4.94
CA PHE A 105 -10.97 -16.95 -5.02
C PHE A 105 -10.16 -17.12 -3.74
N HIS A 106 -10.54 -18.07 -2.90
CA HIS A 106 -9.90 -18.26 -1.62
C HIS A 106 -8.53 -18.94 -1.77
N GLY A 107 -7.70 -18.75 -0.76
CA GLY A 107 -6.42 -19.42 -0.65
C GLY A 107 -6.47 -20.63 0.24
N GLY A 108 -5.27 -21.16 0.52
CA GLY A 108 -5.14 -22.42 1.22
C GLY A 108 -4.35 -23.48 0.52
N GLY A 109 -3.55 -23.12 -0.48
CA GLY A 109 -2.69 -24.12 -1.11
C GLY A 109 -3.43 -25.17 -1.87
N TRP A 110 -4.67 -24.88 -2.32
CA TRP A 110 -5.59 -25.77 -3.02
C TRP A 110 -6.16 -26.84 -2.11
N VAL A 111 -5.39 -27.28 -1.12
CA VAL A 111 -5.83 -28.30 -0.16
C VAL A 111 -6.76 -27.71 0.89
N LEU A 112 -6.43 -26.52 1.41
CA LEU A 112 -7.13 -25.92 2.54
C LEU A 112 -8.09 -24.83 2.07
N GLY A 113 -8.89 -24.36 2.99
CA GLY A 113 -9.72 -23.20 2.77
C GLY A 113 -11.11 -23.53 2.28
N ASP A 114 -11.98 -22.52 2.39
CA ASP A 114 -13.40 -22.61 2.15
C ASP A 114 -13.99 -21.22 2.44
N PHE A 115 -15.30 -21.10 2.41
CA PHE A 115 -15.91 -19.81 2.71
C PHE A 115 -15.77 -19.42 4.18
N PRO A 116 -16.16 -20.25 5.15
CA PRO A 116 -16.08 -19.78 6.56
C PRO A 116 -14.69 -19.32 6.95
N THR A 117 -13.63 -20.03 6.53
CA THR A 117 -12.29 -19.59 6.89
C THR A 117 -11.98 -18.20 6.32
N HIS A 118 -12.53 -17.86 5.17
CA HIS A 118 -12.24 -16.61 4.50
C HIS A 118 -13.30 -15.53 4.71
N GLU A 119 -14.34 -15.82 5.50
CA GLU A 119 -15.48 -14.91 5.58
C GLU A 119 -15.12 -13.53 6.12
N ARG A 120 -14.29 -13.47 7.16
CA ARG A 120 -13.97 -12.16 7.72
C ARG A 120 -13.24 -11.29 6.70
N LEU A 121 -12.26 -11.88 6.02
CA LEU A 121 -11.53 -11.18 4.97
C LEU A 121 -12.47 -10.73 3.86
N ILE A 122 -13.35 -11.62 3.41
CA ILE A 122 -14.28 -11.26 2.34
C ILE A 122 -15.16 -10.10 2.78
N ARG A 123 -15.71 -10.18 3.99
CA ARG A 123 -16.56 -9.10 4.48
C ARG A 123 -15.78 -7.79 4.56
N ASP A 124 -14.53 -7.84 5.00
CA ASP A 124 -13.73 -6.61 5.07
C ASP A 124 -13.59 -5.98 3.68
N LEU A 125 -13.35 -6.79 2.66
CA LEU A 125 -13.16 -6.27 1.32
C LEU A 125 -14.47 -5.72 0.73
N VAL A 126 -15.58 -6.40 1.02
CA VAL A 126 -16.90 -5.90 0.61
C VAL A 126 -17.18 -4.56 1.26
N ARG A 127 -16.94 -4.45 2.56
CA ARG A 127 -17.23 -3.19 3.25
C ARG A 127 -16.35 -2.06 2.74
N ALA A 128 -15.07 -2.33 2.49
CA ALA A 128 -14.15 -1.29 2.07
C ALA A 128 -14.37 -0.89 0.61
N SER A 129 -14.89 -1.78 -0.23
CA SER A 129 -15.08 -1.49 -1.64
C SER A 129 -16.49 -1.07 -1.99
N GLY A 130 -17.48 -1.41 -1.17
CA GLY A 130 -18.88 -1.22 -1.52
C GLY A 130 -19.43 -2.18 -2.55
N ALA A 131 -18.65 -3.15 -2.99
CA ALA A 131 -19.01 -4.06 -4.06
C ALA A 131 -19.42 -5.41 -3.49
N ALA A 132 -20.20 -6.16 -4.25
CA ALA A 132 -20.54 -7.51 -3.87
C ALA A 132 -19.39 -8.47 -4.17
N ALA A 133 -19.14 -9.40 -3.26
CA ALA A 133 -18.21 -10.49 -3.48
C ALA A 133 -18.96 -11.74 -3.88
N VAL A 134 -18.42 -12.46 -4.86
CA VAL A 134 -18.97 -13.74 -5.28
C VAL A 134 -17.89 -14.80 -5.05
N TYR A 135 -17.94 -15.43 -3.88
CA TYR A 135 -17.04 -16.53 -3.54
C TYR A 135 -17.41 -17.75 -4.36
N VAL A 136 -16.42 -18.44 -4.93
CA VAL A 136 -16.62 -19.65 -5.72
C VAL A 136 -16.13 -20.86 -4.92
N ASP A 137 -16.99 -21.84 -4.71
CA ASP A 137 -16.62 -23.02 -3.92
C ASP A 137 -15.97 -24.07 -4.84
N TYR A 138 -14.74 -23.79 -5.23
CA TYR A 138 -14.03 -24.68 -6.15
C TYR A 138 -13.64 -25.99 -5.45
N THR A 139 -13.45 -27.02 -6.24
CA THR A 139 -13.13 -28.34 -5.67
C THR A 139 -11.70 -28.33 -5.14
N PRO A 140 -11.47 -28.77 -3.90
CA PRO A 140 -10.12 -28.81 -3.34
C PRO A 140 -9.26 -29.88 -4.00
N SER A 141 -7.96 -29.74 -3.79
CA SER A 141 -6.99 -30.78 -4.05
C SER A 141 -6.70 -31.56 -2.78
N PRO A 142 -6.36 -32.86 -2.87
CA PRO A 142 -6.14 -33.63 -4.08
C PRO A 142 -7.37 -34.28 -4.69
N GLU A 143 -8.55 -34.00 -4.15
CA GLU A 143 -9.77 -34.55 -4.74
C GLU A 143 -9.83 -34.20 -6.21
N ALA A 144 -9.47 -32.98 -6.56
CA ALA A 144 -9.28 -32.55 -7.92
C ALA A 144 -7.85 -32.05 -8.08
N HIS A 145 -7.34 -32.12 -9.29
CA HIS A 145 -6.06 -31.58 -9.68
C HIS A 145 -6.26 -30.46 -10.69
N PHE A 146 -5.20 -29.72 -10.98
CA PHE A 146 -5.22 -28.78 -12.09
C PHE A 146 -5.79 -29.49 -13.32
N PRO A 147 -6.65 -28.84 -14.10
CA PRO A 147 -7.13 -27.47 -14.03
C PRO A 147 -8.58 -27.34 -13.58
N VAL A 148 -9.07 -28.30 -12.78
CA VAL A 148 -10.48 -28.34 -12.44
C VAL A 148 -10.94 -27.04 -11.79
N ALA A 149 -10.24 -26.62 -10.72
CA ALA A 149 -10.67 -25.46 -9.96
C ALA A 149 -10.60 -24.19 -10.79
N ILE A 150 -9.54 -24.01 -11.58
CA ILE A 150 -9.46 -22.78 -12.37
C ILE A 150 -10.52 -22.75 -13.47
N ASN A 151 -10.96 -23.92 -13.93
CA ASN A 151 -12.07 -23.97 -14.87
C ASN A 151 -13.36 -23.57 -14.19
N GLN A 152 -13.61 -24.12 -12.99
CA GLN A 152 -14.78 -23.72 -12.22
C GLN A 152 -14.79 -22.22 -11.98
N ALA A 153 -13.63 -21.66 -11.62
CA ALA A 153 -13.55 -20.23 -11.36
C ALA A 153 -13.89 -19.42 -12.61
N TYR A 154 -13.36 -19.84 -13.76
CA TYR A 154 -13.66 -19.13 -15.01
C TYR A 154 -15.14 -19.24 -15.36
N GLU A 155 -15.70 -20.44 -15.28
CA GLU A 155 -17.11 -20.61 -15.61
C GLU A 155 -18.00 -19.79 -14.69
N ALA A 156 -17.67 -19.71 -13.41
CA ALA A 156 -18.46 -18.89 -12.48
C ALA A 156 -18.34 -17.40 -12.81
N THR A 157 -17.14 -16.97 -13.22
CA THR A 157 -16.92 -15.59 -13.62
C THR A 157 -17.76 -15.24 -14.84
N LYS A 158 -17.74 -16.11 -15.85
N LYS A 158 -17.72 -16.11 -15.84
CA LYS A 158 -18.56 -15.88 -17.02
CA LYS A 158 -18.55 -15.93 -17.03
C LYS A 158 -20.04 -15.85 -16.65
C LYS A 158 -20.03 -15.88 -16.66
N TRP A 159 -20.45 -16.72 -15.73
CA TRP A 159 -21.86 -16.74 -15.32
C TRP A 159 -22.27 -15.41 -14.69
N VAL A 160 -21.45 -14.88 -13.79
CA VAL A 160 -21.77 -13.60 -13.18
C VAL A 160 -21.81 -12.50 -14.22
N ALA A 161 -20.84 -12.48 -15.15
CA ALA A 161 -20.85 -11.45 -16.17
C ALA A 161 -22.14 -11.46 -16.97
N GLU A 162 -22.66 -12.65 -17.28
CA GLU A 162 -23.82 -12.78 -18.17
C GLU A 162 -25.14 -12.79 -17.42
N HIS A 163 -25.17 -13.25 -16.16
CA HIS A 163 -26.41 -13.46 -15.42
C HIS A 163 -26.43 -12.75 -14.08
N GLY A 164 -25.56 -11.78 -13.88
CA GLY A 164 -25.44 -11.13 -12.58
C GLY A 164 -26.72 -10.53 -12.06
N GLN A 165 -27.63 -10.12 -12.94
CA GLN A 165 -28.93 -9.64 -12.47
C GLN A 165 -29.61 -10.62 -11.53
N GLU A 166 -29.38 -11.92 -11.70
CA GLU A 166 -30.02 -12.90 -10.84
C GLU A 166 -29.59 -12.75 -9.39
N ILE A 167 -28.42 -12.17 -9.13
CA ILE A 167 -27.91 -11.96 -7.77
C ILE A 167 -27.76 -10.48 -7.45
N GLY A 168 -28.39 -9.61 -8.23
CA GLY A 168 -28.38 -8.20 -7.94
C GLY A 168 -27.06 -7.51 -8.26
N VAL A 169 -26.34 -8.02 -9.25
CA VAL A 169 -25.02 -7.52 -9.62
C VAL A 169 -25.04 -7.06 -11.06
N ASP A 170 -24.34 -5.97 -11.34
CA ASP A 170 -24.01 -5.54 -12.69
C ASP A 170 -22.77 -6.31 -13.12
N GLY A 171 -22.97 -7.41 -13.83
CA GLY A 171 -21.87 -8.26 -14.27
C GLY A 171 -20.93 -7.61 -15.26
N SER A 172 -21.30 -6.46 -15.82
CA SER A 172 -20.40 -5.74 -16.70
C SER A 172 -19.33 -4.97 -15.93
N ARG A 173 -19.47 -4.84 -14.61
CA ARG A 173 -18.49 -4.15 -13.76
C ARG A 173 -18.00 -5.19 -12.76
N LEU A 174 -16.99 -5.95 -13.19
CA LEU A 174 -16.60 -7.20 -12.54
C LEU A 174 -15.11 -7.24 -12.28
N GLY A 175 -14.74 -7.44 -11.02
CA GLY A 175 -13.35 -7.61 -10.64
C GLY A 175 -13.04 -9.06 -10.28
N LEU A 176 -11.75 -9.32 -10.07
CA LEU A 176 -11.26 -10.62 -9.64
C LEU A 176 -10.34 -10.40 -8.46
N VAL A 177 -10.62 -11.07 -7.34
CA VAL A 177 -9.87 -10.89 -6.10
C VAL A 177 -9.56 -12.24 -5.49
N GLY A 178 -8.37 -12.41 -4.95
CA GLY A 178 -8.05 -13.64 -4.26
C GLY A 178 -6.73 -13.54 -3.53
N ASN A 179 -6.60 -14.37 -2.50
CA ASN A 179 -5.39 -14.43 -1.67
C ASN A 179 -4.63 -15.72 -1.92
N SER A 180 -3.30 -15.60 -2.09
N SER A 180 -3.30 -15.61 -2.04
CA SER A 180 -2.41 -16.76 -2.12
CA SER A 180 -2.39 -16.76 -2.12
C SER A 180 -2.65 -17.57 -3.40
C SER A 180 -2.70 -17.56 -3.37
N VAL A 181 -3.03 -18.86 -3.30
CA VAL A 181 -3.42 -19.58 -4.51
C VAL A 181 -4.68 -18.95 -5.11
N GLY A 182 -5.48 -18.25 -4.31
CA GLY A 182 -6.58 -17.49 -4.85
C GLY A 182 -6.12 -16.33 -5.72
N GLY A 183 -4.99 -15.72 -5.37
CA GLY A 183 -4.40 -14.72 -6.25
C GLY A 183 -3.84 -15.33 -7.53
N ASN A 184 -3.27 -16.53 -7.44
CA ASN A 184 -2.93 -17.32 -8.62
C ASN A 184 -4.16 -17.52 -9.49
N MET A 185 -5.28 -17.86 -8.86
CA MET A 185 -6.54 -18.12 -9.57
C MET A 185 -7.05 -16.86 -10.28
N VAL A 186 -6.85 -15.68 -9.68
CA VAL A 186 -7.16 -14.42 -10.35
C VAL A 186 -6.44 -14.35 -11.70
N ALA A 187 -5.12 -14.56 -11.69
CA ALA A 187 -4.36 -14.53 -12.92
C ALA A 187 -4.83 -15.60 -13.91
N SER A 188 -5.11 -16.81 -13.41
N SER A 188 -5.13 -16.80 -13.40
CA SER A 188 -5.54 -17.89 -14.28
CA SER A 188 -5.54 -17.90 -14.27
C SER A 188 -6.84 -17.52 -14.99
C SER A 188 -6.86 -17.58 -14.96
N VAL A 189 -7.80 -17.00 -14.23
CA VAL A 189 -9.09 -16.63 -14.82
C VAL A 189 -8.92 -15.49 -15.81
N ALA A 190 -8.09 -14.50 -15.47
CA ALA A 190 -7.85 -13.40 -16.39
C ALA A 190 -7.22 -13.90 -17.69
N LEU A 191 -6.30 -14.85 -17.61
CA LEU A 191 -5.63 -15.36 -18.82
C LEU A 191 -6.59 -16.23 -19.64
N GLN A 192 -7.46 -16.99 -18.99
CA GLN A 192 -8.50 -17.69 -19.75
C GLN A 192 -9.42 -16.69 -20.43
N ALA A 193 -9.85 -15.65 -19.72
CA ALA A 193 -10.74 -14.66 -20.31
C ALA A 193 -10.10 -14.00 -21.52
N LYS A 194 -8.79 -13.75 -21.48
N LYS A 194 -8.79 -13.74 -21.47
CA LYS A 194 -8.12 -13.17 -22.64
CA LYS A 194 -8.12 -13.17 -22.64
C LYS A 194 -8.14 -14.16 -23.80
C LYS A 194 -8.13 -14.15 -23.80
N GLN A 195 -7.81 -15.42 -23.53
CA GLN A 195 -7.79 -16.40 -24.61
C GLN A 195 -9.17 -16.62 -25.22
N PHE A 196 -10.22 -16.57 -24.40
CA PHE A 196 -11.57 -16.90 -24.83
C PHE A 196 -12.41 -15.67 -25.16
N ASN A 197 -11.79 -14.49 -25.22
CA ASN A 197 -12.46 -13.23 -25.57
C ASN A 197 -13.65 -12.90 -24.67
N GLY A 198 -13.42 -12.97 -23.37
CA GLY A 198 -14.36 -12.41 -22.40
C GLY A 198 -14.50 -13.35 -21.23
N PRO A 199 -15.17 -12.90 -20.18
CA PRO A 199 -15.78 -11.57 -20.03
C PRO A 199 -14.80 -10.46 -19.68
N LYS A 200 -15.23 -9.21 -19.86
CA LYS A 200 -14.44 -8.04 -19.49
C LYS A 200 -14.25 -7.98 -17.99
N ILE A 201 -13.02 -7.65 -17.57
CA ILE A 201 -12.66 -7.56 -16.16
C ILE A 201 -12.15 -6.15 -15.90
N ARG A 202 -12.74 -5.49 -14.90
CA ARG A 202 -12.34 -4.13 -14.55
C ARG A 202 -11.02 -4.09 -13.79
N TYR A 203 -10.78 -5.04 -12.91
CA TYR A 203 -9.65 -4.91 -11.99
C TYR A 203 -9.37 -6.25 -11.34
N ASN A 204 -8.09 -6.54 -11.15
CA ASN A 204 -7.63 -7.70 -10.40
C ASN A 204 -6.97 -7.22 -9.12
N VAL A 205 -7.23 -7.92 -8.02
CA VAL A 205 -6.49 -7.73 -6.78
C VAL A 205 -5.90 -9.08 -6.39
N MET A 206 -4.59 -9.20 -6.49
CA MET A 206 -3.85 -10.41 -6.16
C MET A 206 -3.20 -10.17 -4.80
N LEU A 207 -3.74 -10.81 -3.77
CA LEU A 207 -3.28 -10.62 -2.39
C LEU A 207 -2.26 -11.70 -2.09
N TRP A 208 -1.01 -11.29 -1.88
CA TRP A 208 0.13 -12.16 -1.58
C TRP A 208 0.06 -13.45 -2.41
N PRO A 209 0.10 -13.35 -3.73
CA PRO A 209 -0.22 -14.48 -4.61
C PRO A 209 0.92 -15.46 -4.78
N VAL A 210 0.53 -16.69 -5.12
CA VAL A 210 1.41 -17.69 -5.71
C VAL A 210 1.48 -17.43 -7.22
N THR A 211 2.70 -17.32 -7.77
CA THR A 211 2.81 -17.10 -9.22
C THR A 211 3.71 -18.09 -9.94
N ASP A 212 4.42 -18.98 -9.25
CA ASP A 212 5.34 -19.88 -9.94
C ASP A 212 5.55 -21.15 -9.13
N ALA A 213 5.58 -22.28 -9.82
CA ALA A 213 5.93 -23.56 -9.21
C ALA A 213 7.45 -23.72 -9.16
N ASN A 214 8.08 -22.85 -8.39
CA ASN A 214 9.52 -22.89 -8.14
C ASN A 214 9.71 -22.46 -6.70
N PHE A 215 10.82 -22.89 -6.10
CA PHE A 215 11.01 -22.80 -4.65
C PHE A 215 12.36 -22.23 -4.27
N ASP A 216 12.93 -21.41 -5.16
CA ASP A 216 14.32 -20.99 -5.07
C ASP A 216 14.53 -19.50 -5.16
N THR A 217 13.48 -18.69 -5.04
CA THR A 217 13.69 -17.25 -4.97
C THR A 217 14.38 -16.88 -3.65
N ALA A 218 14.92 -15.67 -3.60
CA ALA A 218 15.57 -15.22 -2.37
C ALA A 218 14.61 -15.24 -1.19
N SER A 219 13.35 -14.82 -1.39
CA SER A 219 12.42 -14.83 -0.28
C SER A 219 12.06 -16.26 0.13
N TYR A 220 12.01 -17.20 -0.82
CA TYR A 220 11.77 -18.58 -0.45
C TYR A 220 12.87 -19.08 0.48
N ASN A 221 14.10 -18.69 0.21
CA ASN A 221 15.21 -19.13 1.05
C ASN A 221 15.25 -18.39 2.38
N GLN A 222 15.00 -17.08 2.36
CA GLN A 222 15.10 -16.30 3.58
C GLN A 222 14.02 -16.68 4.58
N PHE A 223 12.80 -16.96 4.11
CA PHE A 223 11.67 -17.19 5.00
C PHE A 223 11.19 -18.65 4.97
N GLU A 224 12.11 -19.59 4.68
CA GLU A 224 11.71 -20.97 4.40
C GLU A 224 11.02 -21.65 5.57
N ASN A 225 11.36 -21.28 6.82
CA ASN A 225 10.70 -21.83 7.99
C ASN A 225 10.51 -20.75 9.03
N GLY A 226 9.49 -20.92 9.87
CA GLY A 226 9.26 -20.06 11.02
C GLY A 226 8.30 -18.91 10.80
N TYR A 227 7.83 -18.70 9.57
CA TYR A 227 6.95 -17.57 9.25
C TYR A 227 5.57 -18.05 8.82
N PHE A 228 5.07 -19.07 9.52
N PHE A 228 5.11 -19.17 9.39
CA PHE A 228 3.85 -19.82 9.20
CA PHE A 228 3.74 -19.66 9.20
C PHE A 228 4.02 -20.56 7.88
C PHE A 228 3.55 -20.48 7.92
N LEU A 229 3.78 -19.89 6.75
CA LEU A 229 3.87 -20.60 5.48
C LEU A 229 5.33 -20.99 5.26
N SER A 230 5.59 -22.29 5.13
CA SER A 230 6.95 -22.76 4.92
C SER A 230 7.18 -23.20 3.47
N LYS A 231 8.46 -23.32 3.12
CA LYS A 231 8.81 -23.88 1.82
C LYS A 231 8.26 -25.29 1.65
N ASN A 232 8.37 -26.13 2.69
CA ASN A 232 7.86 -27.49 2.55
C ASN A 232 6.34 -27.51 2.40
N MET A 233 5.63 -26.59 3.06
CA MET A 233 4.19 -26.49 2.84
C MET A 233 3.90 -26.16 1.38
N MET A 234 4.62 -25.19 0.81
CA MET A 234 4.38 -24.81 -0.57
C MET A 234 4.63 -25.98 -1.52
N LYS A 235 5.70 -26.75 -1.28
CA LYS A 235 5.97 -27.92 -2.12
C LYS A 235 4.85 -28.94 -2.02
N TRP A 236 4.33 -29.14 -0.81
CA TRP A 236 3.22 -30.08 -0.58
C TRP A 236 1.95 -29.60 -1.28
N PHE A 237 1.65 -28.32 -1.16
CA PHE A 237 0.48 -27.78 -1.83
C PHE A 237 0.56 -27.99 -3.34
N TRP A 238 1.69 -27.60 -3.94
CA TRP A 238 1.90 -27.81 -5.36
C TRP A 238 1.78 -29.30 -5.73
N ASP A 239 2.35 -30.18 -4.89
CA ASP A 239 2.33 -31.60 -5.21
C ASP A 239 0.91 -32.16 -5.19
N ASN A 240 0.07 -31.67 -4.28
CA ASN A 240 -1.32 -32.11 -4.26
C ASN A 240 -2.11 -31.54 -5.43
N TYR A 241 -1.72 -30.37 -5.92
CA TYR A 241 -2.41 -29.72 -7.03
C TYR A 241 -2.07 -30.37 -8.36
N THR A 242 -0.80 -30.50 -8.69
CA THR A 242 -0.35 -31.23 -9.86
C THR A 242 1.14 -31.45 -9.80
N THR A 243 1.57 -32.69 -10.02
CA THR A 243 2.98 -33.01 -10.09
C THR A 243 3.51 -33.02 -11.52
N SER A 244 2.69 -32.62 -12.48
CA SER A 244 3.10 -32.63 -13.88
C SER A 244 4.02 -31.43 -14.17
N ALA A 245 5.19 -31.72 -14.72
CA ALA A 245 6.07 -30.63 -15.16
C ALA A 245 5.40 -29.77 -16.22
N ALA A 246 4.68 -30.39 -17.15
CA ALA A 246 4.01 -29.62 -18.18
C ALA A 246 2.98 -28.67 -17.57
N ASP A 247 2.19 -29.16 -16.61
CA ASP A 247 1.22 -28.29 -15.95
C ASP A 247 1.93 -27.13 -15.25
N ARG A 248 3.05 -27.43 -14.59
CA ARG A 248 3.77 -26.38 -13.88
C ARG A 248 4.38 -25.37 -14.82
N ASN A 249 4.60 -25.72 -16.09
CA ASN A 249 5.08 -24.79 -17.10
C ASN A 249 3.95 -24.11 -17.86
N ASN A 250 2.71 -24.38 -17.49
CA ASN A 250 1.52 -23.79 -18.11
C ASN A 250 1.25 -22.46 -17.41
N ILE A 251 1.01 -21.41 -18.21
CA ILE A 251 0.81 -20.08 -17.62
C ILE A 251 -0.43 -19.99 -16.73
N LEU A 252 -1.37 -20.92 -16.86
CA LEU A 252 -2.55 -20.93 -16.01
C LEU A 252 -2.24 -21.51 -14.62
N ALA A 253 -1.05 -22.07 -14.44
CA ALA A 253 -0.55 -22.53 -13.15
C ALA A 253 0.59 -21.66 -12.65
N SER A 254 1.56 -21.36 -13.51
CA SER A 254 2.72 -20.54 -13.17
C SER A 254 2.71 -19.29 -14.05
N PRO A 255 1.84 -18.32 -13.76
CA PRO A 255 1.75 -17.14 -14.65
C PRO A 255 3.04 -16.33 -14.70
N LEU A 256 3.92 -16.46 -13.72
CA LEU A 256 5.21 -15.80 -13.82
C LEU A 256 6.00 -16.23 -15.05
N ARG A 257 5.72 -17.41 -15.59
CA ARG A 257 6.44 -17.92 -16.76
C ARG A 257 5.88 -17.39 -18.07
N ALA A 258 4.84 -16.59 -18.04
CA ALA A 258 4.28 -16.04 -19.26
C ALA A 258 5.21 -15.01 -19.86
N SER A 259 5.24 -14.97 -21.19
CA SER A 259 6.00 -13.95 -21.87
C SER A 259 5.27 -12.63 -21.86
N THR A 260 5.98 -11.57 -22.24
CA THR A 260 5.35 -10.27 -22.40
C THR A 260 4.16 -10.33 -23.33
N ALA A 261 4.29 -11.03 -24.45
CA ALA A 261 3.16 -11.13 -25.38
C ALA A 261 1.97 -11.84 -24.75
N GLN A 262 2.22 -12.85 -23.93
CA GLN A 262 1.14 -13.57 -23.26
C GLN A 262 0.45 -12.72 -22.20
N LEU A 263 1.16 -11.75 -21.63
CA LEU A 263 0.59 -10.89 -20.59
C LEU A 263 -0.06 -9.62 -21.15
N LYS A 264 0.23 -9.27 -22.41
CA LYS A 264 -0.38 -8.06 -22.97
C LYS A 264 -1.89 -8.14 -22.88
N GLY A 265 -2.52 -7.05 -22.46
CA GLY A 265 -3.96 -7.00 -22.33
C GLY A 265 -4.53 -7.53 -21.03
N PHE A 266 -3.68 -8.01 -20.11
CA PHE A 266 -4.14 -8.42 -18.80
C PHE A 266 -4.88 -7.26 -18.14
N PRO A 267 -5.88 -7.53 -17.31
CA PRO A 267 -6.61 -6.43 -16.66
C PRO A 267 -5.73 -5.60 -15.75
N GLU A 268 -6.14 -4.36 -15.51
CA GLU A 268 -5.50 -3.53 -14.51
C GLU A 268 -5.46 -4.28 -13.19
N THR A 269 -4.34 -4.16 -12.47
CA THR A 269 -4.05 -5.06 -11.36
C THR A 269 -3.41 -4.34 -10.18
N LEU A 270 -3.81 -4.77 -8.99
CA LEU A 270 -3.14 -4.44 -7.73
C LEU A 270 -2.58 -5.74 -7.18
N ILE A 271 -1.29 -5.75 -6.82
CA ILE A 271 -0.68 -6.87 -6.11
C ILE A 271 -0.22 -6.36 -4.76
N GLN A 272 -0.64 -7.04 -3.68
CA GLN A 272 -0.06 -6.81 -2.37
C GLN A 272 0.88 -7.96 -2.05
N THR A 273 2.05 -7.63 -1.50
CA THR A 273 2.95 -8.66 -1.00
C THR A 273 3.26 -8.41 0.47
N ALA A 274 3.65 -9.48 1.15
CA ALA A 274 4.10 -9.43 2.53
C ALA A 274 5.61 -9.48 2.57
N GLU A 275 6.22 -8.62 3.42
CA GLU A 275 7.67 -8.55 3.45
C GLU A 275 8.30 -9.89 3.84
N LEU A 276 7.70 -10.62 4.77
CA LEU A 276 8.29 -11.84 5.31
C LEU A 276 7.50 -13.05 4.85
N ASP A 277 7.48 -13.30 3.55
CA ASP A 277 6.68 -14.34 2.90
C ASP A 277 7.56 -14.98 1.83
N VAL A 278 7.63 -16.32 1.83
CA VAL A 278 8.35 -17.02 0.78
C VAL A 278 7.90 -16.57 -0.61
N LEU A 279 6.61 -16.26 -0.78
CA LEU A 279 6.03 -15.89 -2.06
C LEU A 279 6.27 -14.43 -2.44
N ARG A 280 6.89 -13.63 -1.56
CA ARG A 280 7.02 -12.20 -1.84
C ARG A 280 7.66 -11.93 -3.19
N ASP A 281 8.80 -12.54 -3.44
CA ASP A 281 9.58 -12.17 -4.61
C ASP A 281 8.86 -12.53 -5.91
N GLU A 282 8.20 -13.69 -5.96
CA GLU A 282 7.51 -14.07 -7.19
C GLU A 282 6.29 -13.18 -7.43
N GLY A 283 5.67 -12.67 -6.37
CA GLY A 283 4.57 -11.75 -6.54
C GLY A 283 5.03 -10.41 -7.10
N GLU A 284 6.12 -9.87 -6.52
CA GLU A 284 6.68 -8.62 -7.03
C GLU A 284 7.22 -8.79 -8.45
N ALA A 285 7.86 -9.92 -8.73
CA ALA A 285 8.38 -10.14 -10.08
C ALA A 285 7.26 -10.21 -11.10
N PHE A 286 6.14 -10.82 -10.73
CA PHE A 286 5.01 -10.87 -11.65
C PHE A 286 4.51 -9.46 -11.95
N GLY A 287 4.42 -8.60 -10.95
CA GLY A 287 4.05 -7.23 -11.20
C GLY A 287 4.96 -6.52 -12.19
N ARG A 288 6.27 -6.75 -12.10
CA ARG A 288 7.18 -6.12 -13.04
C ARG A 288 6.95 -6.62 -14.45
N LYS A 289 6.67 -7.93 -14.59
CA LYS A 289 6.37 -8.47 -15.91
C LYS A 289 5.10 -7.86 -16.49
N LEU A 290 4.08 -7.68 -15.66
CA LEU A 290 2.84 -7.07 -16.14
C LEU A 290 3.13 -5.66 -16.64
N ASP A 291 3.91 -4.90 -15.88
CA ASP A 291 4.17 -3.52 -16.30
C ASP A 291 4.96 -3.49 -17.60
N ALA A 292 5.87 -4.44 -17.79
CA ALA A 292 6.64 -4.49 -19.04
C ALA A 292 5.75 -4.82 -20.21
N ALA A 293 4.61 -5.47 -19.97
CA ALA A 293 3.64 -5.77 -21.00
C ALA A 293 2.59 -4.68 -21.17
N GLY A 294 2.79 -3.51 -20.58
CA GLY A 294 1.88 -2.39 -20.74
C GLY A 294 0.64 -2.46 -19.88
N VAL A 295 0.59 -3.38 -18.93
CA VAL A 295 -0.57 -3.53 -18.05
C VAL A 295 -0.47 -2.47 -16.95
N PRO A 296 -1.52 -1.69 -16.70
CA PRO A 296 -1.52 -0.82 -15.51
C PRO A 296 -1.52 -1.67 -14.25
N VAL A 297 -0.45 -1.55 -13.46
CA VAL A 297 -0.26 -2.40 -12.30
C VAL A 297 0.41 -1.63 -11.17
N THR A 298 -0.09 -1.86 -9.96
CA THR A 298 0.46 -1.31 -8.72
C THR A 298 0.91 -2.48 -7.88
N VAL A 299 2.13 -2.39 -7.34
CA VAL A 299 2.67 -3.43 -6.46
C VAL A 299 3.02 -2.77 -5.13
N THR A 300 2.38 -3.23 -4.05
N THR A 300 2.41 -3.26 -4.05
CA THR A 300 2.58 -2.68 -2.72
CA THR A 300 2.57 -2.69 -2.72
C THR A 300 3.07 -3.79 -1.79
C THR A 300 3.05 -3.76 -1.75
N ARG A 301 4.25 -3.59 -1.22
CA ARG A 301 4.77 -4.48 -0.20
C ARG A 301 4.44 -3.91 1.18
N TYR A 302 3.80 -4.72 2.02
CA TYR A 302 3.46 -4.33 3.39
C TYR A 302 4.53 -4.88 4.32
N ASN A 303 5.27 -3.98 4.95
CA ASN A 303 6.39 -4.41 5.79
C ASN A 303 5.92 -5.02 7.11
N GLY A 304 6.75 -5.94 7.61
CA GLY A 304 6.50 -6.55 8.90
C GLY A 304 5.49 -7.66 8.88
N MET A 305 4.94 -7.99 7.71
CA MET A 305 3.85 -8.94 7.59
C MET A 305 4.34 -10.31 7.14
N ILE A 306 3.61 -11.33 7.57
CA ILE A 306 3.76 -12.67 7.07
C ILE A 306 2.73 -12.95 5.98
N HIS A 307 2.94 -14.04 5.25
CA HIS A 307 1.93 -14.57 4.34
C HIS A 307 0.57 -14.62 5.02
N ASP A 308 -0.48 -14.26 4.26
CA ASP A 308 -1.86 -14.37 4.74
C ASP A 308 -2.14 -13.43 5.90
N TYR A 309 -1.40 -12.31 5.99
CA TYR A 309 -1.65 -11.34 7.05
C TYR A 309 -3.11 -10.91 7.04
N GLY A 310 -3.69 -10.69 5.86
CA GLY A 310 -5.07 -10.23 5.80
C GLY A 310 -6.12 -11.31 5.94
N LEU A 311 -5.72 -12.58 5.89
CA LEU A 311 -6.64 -13.69 6.11
C LEU A 311 -6.76 -14.08 7.57
N LEU A 312 -5.63 -14.26 8.25
CA LEU A 312 -5.61 -14.92 9.54
C LEU A 312 -6.38 -14.10 10.57
N ASN A 313 -7.45 -14.69 11.11
CA ASN A 313 -8.29 -13.91 12.01
C ASN A 313 -7.58 -13.46 13.28
N PRO A 314 -6.61 -14.20 13.84
CA PRO A 314 -5.86 -13.65 14.99
C PRO A 314 -5.11 -12.36 14.68
N LEU A 315 -4.91 -12.03 13.40
CA LEU A 315 -4.24 -10.80 13.01
C LEU A 315 -5.20 -9.71 12.53
N SER A 316 -6.50 -9.90 12.71
CA SER A 316 -7.48 -8.98 12.13
C SER A 316 -7.51 -7.63 12.80
N GLN A 317 -6.86 -7.48 13.95
CA GLN A 317 -6.74 -6.17 14.60
C GLN A 317 -5.32 -5.61 14.45
N GLU A 318 -4.47 -6.26 13.68
CA GLU A 318 -3.15 -5.70 13.44
C GLU A 318 -3.30 -4.41 12.62
N PRO A 319 -2.66 -3.31 13.01
CA PRO A 319 -2.91 -2.05 12.29
C PRO A 319 -2.68 -2.16 10.80
N THR A 320 -1.59 -2.81 10.39
CA THR A 320 -1.28 -2.94 8.97
C THR A 320 -2.38 -3.69 8.23
N VAL A 321 -2.94 -4.73 8.84
CA VAL A 321 -3.99 -5.51 8.20
C VAL A 321 -5.19 -4.63 7.89
N LYS A 322 -5.66 -3.90 8.91
CA LYS A 322 -6.83 -3.07 8.72
C LYS A 322 -6.60 -2.05 7.62
N VAL A 323 -5.42 -1.43 7.59
CA VAL A 323 -5.13 -0.46 6.55
C VAL A 323 -4.98 -1.13 5.19
N ALA A 324 -4.26 -2.24 5.12
CA ALA A 324 -4.06 -2.90 3.84
C ALA A 324 -5.38 -3.29 3.19
N LEU A 325 -6.33 -3.80 3.97
CA LEU A 325 -7.59 -4.24 3.39
C LEU A 325 -8.46 -3.06 3.02
N GLU A 326 -8.46 -1.99 3.83
CA GLU A 326 -9.13 -0.75 3.43
C GLU A 326 -8.57 -0.25 2.10
N GLN A 327 -7.25 -0.30 1.94
CA GLN A 327 -6.59 0.22 0.74
C GLN A 327 -6.88 -0.65 -0.48
N ALA A 328 -6.93 -1.96 -0.30
CA ALA A 328 -7.36 -2.83 -1.40
C ALA A 328 -8.78 -2.50 -1.81
N GLY A 329 -9.67 -2.33 -0.84
CA GLY A 329 -11.06 -2.02 -1.15
C GLY A 329 -11.21 -0.68 -1.85
N ALA A 330 -10.42 0.32 -1.44
CA ALA A 330 -10.51 1.63 -2.08
C ALA A 330 -10.08 1.56 -3.53
N ALA A 331 -9.02 0.81 -3.83
CA ALA A 331 -8.58 0.66 -5.20
C ALA A 331 -9.65 -0.05 -6.02
N LEU A 332 -10.25 -1.09 -5.47
N LEU A 332 -10.21 -1.13 -5.46
CA LEU A 332 -11.29 -1.81 -6.18
CA LEU A 332 -11.31 -1.83 -6.14
C LEU A 332 -12.50 -0.92 -6.44
C LEU A 332 -12.45 -0.87 -6.45
N HIS A 333 -12.90 -0.13 -5.44
CA HIS A 333 -14.02 0.78 -5.63
C HIS A 333 -13.77 1.73 -6.79
N GLU A 334 -12.56 2.28 -6.88
CA GLU A 334 -12.28 3.23 -7.94
C GLU A 334 -12.41 2.59 -9.31
N HIS A 335 -12.11 1.31 -9.44
CA HIS A 335 -12.10 0.64 -10.73
C HIS A 335 -13.41 -0.04 -11.07
N LEU A 336 -14.38 -0.07 -10.16
CA LEU A 336 -15.68 -0.66 -10.40
C LEU A 336 -16.78 0.35 -10.63
N LYS A 337 -16.46 1.65 -10.68
CA LYS A 337 -17.48 2.69 -10.86
C LYS A 337 -18.15 2.66 -12.22
N THR B 3 -14.24 -30.97 -21.84
CA THR B 3 -14.09 -30.22 -23.08
C THR B 3 -13.13 -29.04 -22.85
N LEU B 4 -13.47 -28.18 -21.89
CA LEU B 4 -12.61 -27.06 -21.58
C LEU B 4 -11.27 -27.55 -21.04
N THR B 5 -11.29 -28.54 -20.16
CA THR B 5 -10.07 -29.01 -19.53
C THR B 5 -9.03 -29.45 -20.56
N ALA B 6 -9.45 -29.99 -21.71
CA ALA B 6 -8.48 -30.39 -22.71
C ALA B 6 -7.71 -29.18 -23.25
N ILE B 7 -8.40 -28.08 -23.48
CA ILE B 7 -7.74 -26.87 -23.96
C ILE B 7 -6.86 -26.27 -22.87
N LEU B 8 -7.32 -26.32 -21.61
CA LEU B 8 -6.58 -25.66 -20.53
C LEU B 8 -5.23 -26.32 -20.28
N ILE B 9 -5.09 -27.62 -20.52
CA ILE B 9 -3.83 -28.30 -20.28
C ILE B 9 -2.95 -28.32 -21.53
N SER B 10 -3.42 -27.74 -22.63
CA SER B 10 -2.75 -27.88 -23.92
C SER B 10 -1.66 -26.83 -24.13
N SER B 11 -0.97 -26.97 -25.25
CA SER B 11 0.08 -26.02 -25.62
C SER B 11 -0.43 -24.61 -25.85
N VAL B 12 -1.74 -24.40 -25.97
CA VAL B 12 -2.27 -23.05 -26.05
C VAL B 12 -1.70 -22.20 -24.92
N PHE B 13 -1.54 -22.80 -23.74
CA PHE B 13 -1.15 -22.08 -22.53
C PHE B 13 0.26 -22.42 -22.07
N ALA B 14 1.06 -23.08 -22.89
CA ALA B 14 2.44 -23.33 -22.51
C ALA B 14 3.25 -22.04 -22.42
N SER B 15 4.15 -21.99 -21.45
CA SER B 15 5.21 -21.00 -21.44
C SER B 15 6.31 -21.38 -22.44
N ALA B 16 7.38 -20.58 -22.47
CA ALA B 16 8.62 -20.97 -23.17
C ALA B 16 9.12 -22.33 -22.69
N ALA B 23 14.80 -13.11 -10.31
CA ALA B 23 15.57 -12.23 -9.45
C ALA B 23 14.86 -10.88 -9.29
N ASN B 24 14.49 -10.56 -8.05
CA ASN B 24 13.58 -9.44 -7.79
C ASN B 24 14.37 -8.14 -7.63
N THR B 25 15.06 -7.77 -8.71
CA THR B 25 15.92 -6.60 -8.69
C THR B 25 15.09 -5.33 -8.86
N PRO B 26 15.33 -4.29 -8.07
CA PRO B 26 14.55 -3.06 -8.22
C PRO B 26 14.77 -2.41 -9.58
N THR B 27 13.65 -2.08 -10.24
N THR B 27 13.68 -2.16 -10.29
CA THR B 27 13.63 -1.50 -11.57
CA THR B 27 13.71 -1.42 -11.54
C THR B 27 12.48 -0.49 -11.58
C THR B 27 12.52 -0.48 -11.57
N PRO B 28 12.67 0.68 -12.20
CA PRO B 28 11.52 1.59 -12.37
C PRO B 28 10.45 0.93 -13.24
N THR B 29 9.20 1.32 -13.01
CA THR B 29 8.19 0.99 -13.99
C THR B 29 8.52 1.67 -15.33
N ALA B 30 7.83 1.25 -16.38
CA ALA B 30 8.07 1.82 -17.69
C ALA B 30 7.79 3.31 -17.71
N GLY B 31 6.72 3.75 -17.04
CA GLY B 31 6.40 5.16 -17.04
C GLY B 31 7.44 5.98 -16.28
N VAL B 32 7.92 5.44 -15.16
CA VAL B 32 8.96 6.14 -14.42
C VAL B 32 10.26 6.12 -15.20
N GLN B 33 10.58 5.01 -15.86
CA GLN B 33 11.78 4.94 -16.67
C GLN B 33 11.75 5.96 -17.79
N ALA B 34 10.59 6.18 -18.40
CA ALA B 34 10.51 7.17 -19.47
C ALA B 34 10.81 8.57 -18.94
N PHE B 35 10.31 8.88 -17.75
CA PHE B 35 10.60 10.16 -17.11
C PHE B 35 12.09 10.30 -16.83
N LEU B 36 12.70 9.26 -16.25
CA LEU B 36 14.12 9.30 -15.93
C LEU B 36 14.97 9.39 -17.17
N ASN B 37 14.58 8.68 -18.25
CA ASN B 37 15.42 8.67 -19.45
C ASN B 37 15.64 10.08 -19.97
N VAL B 38 14.58 10.88 -20.00
CA VAL B 38 14.71 12.26 -20.49
C VAL B 38 15.51 13.09 -19.50
N LEU B 39 15.18 12.97 -18.21
CA LEU B 39 15.89 13.75 -17.20
C LEU B 39 17.38 13.47 -17.23
N ASN B 40 17.78 12.19 -17.32
CA ASN B 40 19.18 11.81 -17.21
C ASN B 40 19.94 12.07 -18.50
N SER B 41 19.24 12.27 -19.62
CA SER B 41 19.89 12.66 -20.87
C SER B 41 20.14 14.16 -20.98
N GLY B 42 19.55 14.96 -20.09
CA GLY B 42 19.70 16.41 -20.14
C GLY B 42 21.12 16.90 -19.90
N GLY B 44 20.89 19.03 -16.83
CA GLY B 44 22.23 19.49 -17.12
C GLY B 44 23.02 19.78 -15.87
N LYS B 45 23.01 21.05 -15.44
CA LYS B 45 23.75 21.42 -14.24
C LYS B 45 23.13 20.75 -13.01
N PRO B 46 23.92 20.16 -12.12
CA PRO B 46 23.32 19.52 -10.94
C PRO B 46 22.74 20.54 -9.98
N MET B 47 21.65 20.14 -9.31
CA MET B 47 20.93 21.10 -8.48
C MET B 47 21.79 21.65 -7.35
N GLU B 48 22.70 20.83 -6.81
CA GLU B 48 23.52 21.29 -5.69
C GLU B 48 24.48 22.40 -6.08
N GLN B 49 24.69 22.64 -7.38
CA GLN B 49 25.48 23.78 -7.83
C GLN B 49 24.64 25.01 -8.16
N MET B 50 23.33 24.97 -7.95
CA MET B 50 22.44 26.06 -8.26
C MET B 50 22.27 26.98 -7.05
N THR B 51 21.83 28.21 -7.31
CA THR B 51 21.34 29.05 -6.22
C THR B 51 19.97 28.54 -5.79
N PRO B 52 19.53 28.88 -4.60
CA PRO B 52 18.15 28.55 -4.21
C PRO B 52 17.10 29.01 -5.22
N GLN B 53 17.25 30.22 -5.76
CA GLN B 53 16.27 30.73 -6.71
C GLN B 53 16.25 29.87 -7.98
N GLU B 54 17.43 29.51 -8.50
CA GLU B 54 17.48 28.67 -9.67
C GLU B 54 16.84 27.31 -9.41
N ALA B 55 17.18 26.71 -8.27
CA ALA B 55 16.64 25.39 -7.96
C ALA B 55 15.13 25.45 -7.82
N ARG B 56 14.62 26.48 -7.14
CA ARG B 56 13.18 26.62 -6.97
C ARG B 56 12.47 26.65 -8.32
N GLN B 57 13.05 27.33 -9.31
CA GLN B 57 12.41 27.46 -10.61
C GLN B 57 12.37 26.14 -11.37
N VAL B 58 13.28 25.20 -11.10
CA VAL B 58 13.19 23.90 -11.74
C VAL B 58 11.87 23.24 -11.39
N LEU B 59 11.54 23.20 -10.10
CA LEU B 59 10.30 22.55 -9.69
C LEU B 59 9.09 23.36 -10.13
N ILE B 60 9.15 24.68 -10.03
CA ILE B 60 8.03 25.51 -10.45
C ILE B 60 7.69 25.26 -11.92
N GLY B 61 8.70 25.30 -12.79
CA GLY B 61 8.43 25.14 -14.20
C GLY B 61 7.97 23.73 -14.56
N ALA B 62 8.50 22.73 -13.86
CA ALA B 62 8.12 21.35 -14.15
C ALA B 62 6.69 21.05 -13.71
N GLN B 63 6.23 21.67 -12.63
CA GLN B 63 4.89 21.41 -12.11
C GLN B 63 3.83 22.27 -12.78
N GLN B 64 4.21 23.38 -13.40
CA GLN B 64 3.26 24.34 -13.94
C GLN B 64 2.33 23.70 -14.96
N GLY B 65 1.06 24.10 -14.94
CA GLY B 65 0.14 23.79 -16.01
C GLY B 65 -0.52 22.43 -15.93
N ALA B 66 -0.38 21.72 -14.82
CA ALA B 66 -1.04 20.43 -14.68
C ALA B 66 -2.55 20.59 -14.58
N LYS B 67 -3.27 19.57 -15.08
CA LYS B 67 -4.71 19.52 -14.91
C LYS B 67 -5.01 19.30 -13.42
N LEU B 68 -5.80 20.18 -12.85
CA LEU B 68 -6.12 20.05 -11.43
C LEU B 68 -7.49 19.42 -11.25
N PRO B 69 -7.63 18.38 -10.44
CA PRO B 69 -8.94 17.80 -10.21
C PRO B 69 -9.79 18.75 -9.39
N PRO B 70 -11.11 18.73 -9.58
CA PRO B 70 -11.96 19.70 -8.88
C PRO B 70 -11.81 19.69 -7.36
N ALA B 71 -11.77 20.89 -6.79
CA ALA B 71 -11.66 21.14 -5.37
C ALA B 71 -11.87 22.63 -5.14
N GLN B 72 -12.13 22.99 -3.89
CA GLN B 72 -12.34 24.37 -3.48
C GLN B 72 -11.12 24.84 -2.71
N VAL B 73 -10.52 25.96 -3.12
CA VAL B 73 -9.32 26.47 -2.48
C VAL B 73 -9.60 27.83 -1.89
N SER B 74 -9.18 28.04 -0.64
CA SER B 74 -9.31 29.32 0.04
C SER B 74 -8.02 29.62 0.80
N GLU B 75 -7.93 30.80 1.39
CA GLU B 75 -6.71 31.25 2.01
C GLU B 75 -7.02 31.96 3.31
N LYS B 76 -6.15 31.79 4.30
CA LYS B 76 -6.27 32.51 5.55
C LYS B 76 -4.88 32.76 6.11
N THR B 77 -4.63 33.98 6.56
CA THR B 77 -3.39 34.31 7.25
C THR B 77 -3.69 34.40 8.73
N ILE B 78 -2.96 33.63 9.53
CA ILE B 78 -3.16 33.61 10.97
C ILE B 78 -2.03 34.36 11.64
N GLN B 79 -2.33 34.91 12.81
CA GLN B 79 -1.36 35.58 13.66
C GLN B 79 -1.19 34.73 14.91
N VAL B 80 0.04 34.27 15.15
CA VAL B 80 0.34 33.47 16.33
C VAL B 80 1.69 33.91 16.87
N ASN B 81 1.74 34.31 18.13
CA ASN B 81 2.99 34.56 18.83
C ASN B 81 3.89 35.53 18.03
N GLY B 82 3.32 36.66 17.64
CA GLY B 82 4.07 37.62 16.86
C GLY B 82 4.63 37.00 15.59
N GLN B 83 3.76 36.35 14.83
CA GLN B 83 4.16 35.75 13.57
C GLN B 83 2.91 35.60 12.71
N ALA B 84 3.00 36.02 11.46
CA ALA B 84 1.97 35.79 10.47
C ALA B 84 2.31 34.50 9.73
N ILE B 85 1.32 33.61 9.59
CA ILE B 85 1.48 32.35 8.89
C ILE B 85 0.36 32.23 7.85
N LYS B 86 0.75 32.09 6.57
CA LYS B 86 -0.20 31.92 5.48
C LYS B 86 -0.64 30.46 5.35
N LEU B 87 -1.95 30.23 5.31
CA LEU B 87 -2.53 28.92 5.09
C LEU B 87 -3.27 28.89 3.78
N LYS B 88 -3.21 27.76 3.09
CA LYS B 88 -4.07 27.51 1.94
C LYS B 88 -4.92 26.31 2.30
N ILE B 89 -6.24 26.45 2.13
CA ILE B 89 -7.21 25.47 2.59
C ILE B 89 -7.88 24.87 1.38
N VAL B 90 -7.87 23.55 1.28
CA VAL B 90 -8.38 22.83 0.12
C VAL B 90 -9.47 21.90 0.60
N LYS B 91 -10.64 21.99 -0.01
CA LYS B 91 -11.77 21.17 0.39
C LYS B 91 -12.37 20.46 -0.81
N PRO B 92 -13.08 19.36 -0.58
CA PRO B 92 -13.76 18.69 -1.71
C PRO B 92 -14.73 19.64 -2.39
N GLU B 93 -14.94 19.39 -3.70
CA GLU B 93 -15.64 20.34 -4.54
C GLU B 93 -17.06 20.62 -4.05
N ASN B 94 -17.73 19.61 -3.52
CA ASN B 94 -19.11 19.78 -3.07
C ASN B 94 -19.22 19.66 -1.55
N ALA B 95 -18.23 20.18 -0.85
CA ALA B 95 -18.18 20.10 0.60
C ALA B 95 -19.35 20.85 1.22
N SER B 96 -19.94 20.25 2.25
CA SER B 96 -21.02 20.85 3.02
C SER B 96 -20.77 20.59 4.49
N GLY B 97 -21.04 21.59 5.32
CA GLY B 97 -20.92 21.42 6.75
C GLY B 97 -19.47 21.43 7.20
N THR B 98 -19.26 20.94 8.41
CA THR B 98 -17.95 20.96 9.04
C THR B 98 -17.22 19.67 8.69
N LEU B 99 -15.94 19.80 8.35
CA LEU B 99 -15.14 18.67 7.89
C LEU B 99 -14.02 18.38 8.88
N PRO B 100 -13.56 17.14 8.97
CA PRO B 100 -12.26 16.89 9.59
C PRO B 100 -11.18 17.42 8.66
N ALA B 101 -9.95 17.48 9.17
CA ALA B 101 -8.89 18.14 8.41
C ALA B 101 -7.57 17.41 8.60
N PHE B 102 -6.66 17.71 7.69
CA PHE B 102 -5.26 17.36 7.88
C PHE B 102 -4.39 18.56 7.54
N MET B 103 -3.38 18.79 8.36
CA MET B 103 -2.33 19.72 7.98
C MET B 103 -1.54 19.11 6.83
N PHE B 104 -1.08 19.96 5.92
CA PHE B 104 -0.26 19.50 4.81
C PHE B 104 1.06 20.25 4.79
N PHE B 105 2.15 19.50 4.91
CA PHE B 105 3.52 20.02 4.94
C PHE B 105 4.20 19.60 3.64
N HIS B 106 4.55 20.59 2.83
CA HIS B 106 5.10 20.30 1.52
C HIS B 106 6.57 19.90 1.60
N GLY B 107 7.01 19.21 0.55
CA GLY B 107 8.40 18.85 0.39
C GLY B 107 9.16 19.82 -0.49
N GLY B 108 10.40 19.43 -0.79
CA GLY B 108 11.29 20.28 -1.53
C GLY B 108 12.62 20.52 -0.85
N GLY B 109 13.02 19.67 0.10
CA GLY B 109 14.34 19.80 0.69
C GLY B 109 14.53 21.04 1.51
N TRP B 110 13.44 21.63 1.98
CA TRP B 110 13.37 22.90 2.72
C TRP B 110 13.65 24.09 1.82
N VAL B 111 14.39 23.91 0.74
CA VAL B 111 14.72 24.99 -0.18
C VAL B 111 13.61 25.24 -1.20
N LEU B 112 13.05 24.17 -1.74
CA LEU B 112 12.10 24.21 -2.85
C LEU B 112 10.68 24.03 -2.32
N GLY B 113 9.74 24.22 -3.22
CA GLY B 113 8.36 23.89 -2.94
C GLY B 113 7.56 25.07 -2.43
N ASP B 114 6.24 24.94 -2.55
CA ASP B 114 5.26 25.96 -2.24
C ASP B 114 3.89 25.34 -2.47
N PHE B 115 2.82 26.13 -2.41
CA PHE B 115 1.51 25.54 -2.65
C PHE B 115 1.28 25.19 -4.12
N PRO B 116 1.52 26.09 -5.09
CA PRO B 116 1.20 25.71 -6.48
C PRO B 116 1.92 24.45 -6.95
N THR B 117 3.19 24.28 -6.57
CA THR B 117 3.90 23.07 -6.98
C THR B 117 3.24 21.81 -6.42
N HIS B 118 2.63 21.91 -5.24
CA HIS B 118 2.04 20.76 -4.56
C HIS B 118 0.52 20.67 -4.72
N GLU B 119 -0.08 21.59 -5.47
CA GLU B 119 -1.54 21.70 -5.47
C GLU B 119 -2.22 20.43 -6.01
N ARG B 120 -1.69 19.84 -7.07
CA ARG B 120 -2.33 18.66 -7.63
C ARG B 120 -2.34 17.51 -6.64
N LEU B 121 -1.19 17.29 -5.99
CA LEU B 121 -1.08 16.27 -4.94
C LEU B 121 -2.06 16.55 -3.80
N ILE B 122 -2.10 17.80 -3.34
CA ILE B 122 -2.98 18.13 -2.22
C ILE B 122 -4.43 17.87 -2.62
N ARG B 123 -4.82 18.31 -3.81
CA ARG B 123 -6.19 18.08 -4.26
C ARG B 123 -6.50 16.59 -4.36
N ASP B 124 -5.53 15.79 -4.82
CA ASP B 124 -5.78 14.34 -4.89
C ASP B 124 -6.04 13.76 -3.50
N LEU B 125 -5.29 14.22 -2.49
CA LEU B 125 -5.46 13.68 -1.15
C LEU B 125 -6.77 14.14 -0.52
N VAL B 126 -7.16 15.39 -0.78
CA VAL B 126 -8.46 15.88 -0.32
C VAL B 126 -9.59 15.07 -0.93
N ARG B 127 -9.53 14.85 -2.25
CA ARG B 127 -10.59 14.11 -2.93
C ARG B 127 -10.69 12.68 -2.41
N ALA B 128 -9.54 12.03 -2.20
CA ALA B 128 -9.55 10.64 -1.77
C ALA B 128 -9.94 10.46 -0.31
N SER B 129 -9.72 11.48 0.53
CA SER B 129 -10.00 11.39 1.96
C SER B 129 -11.33 12.02 2.36
N GLY B 130 -11.85 12.95 1.56
CA GLY B 130 -13.00 13.72 1.96
C GLY B 130 -12.75 14.78 3.00
N ALA B 131 -11.51 14.98 3.42
CA ALA B 131 -11.14 15.90 4.46
C ALA B 131 -10.53 17.18 3.88
N ALA B 132 -10.57 18.24 4.66
CA ALA B 132 -9.92 19.48 4.26
C ALA B 132 -8.43 19.40 4.52
N ALA B 133 -7.65 19.90 3.58
CA ALA B 133 -6.22 20.08 3.76
C ALA B 133 -5.92 21.51 4.17
N VAL B 134 -4.99 21.67 5.09
CA VAL B 134 -4.52 22.99 5.52
C VAL B 134 -3.02 23.04 5.25
N TYR B 135 -2.67 23.59 4.09
CA TYR B 135 -1.28 23.80 3.69
C TYR B 135 -0.70 24.94 4.52
N VAL B 136 0.51 24.75 5.04
CA VAL B 136 1.22 25.76 5.83
C VAL B 136 2.36 26.33 5.00
N ASP B 137 2.36 27.65 4.80
CA ASP B 137 3.40 28.31 4.01
C ASP B 137 4.62 28.63 4.87
N TYR B 138 5.37 27.60 5.25
CA TYR B 138 6.52 27.79 6.11
C TYR B 138 7.67 28.49 5.38
N THR B 139 8.56 29.10 6.17
CA THR B 139 9.65 29.87 5.56
C THR B 139 10.67 28.92 4.99
N PRO B 140 11.10 29.10 3.75
CA PRO B 140 12.09 28.19 3.17
C PRO B 140 13.48 28.42 3.73
N SER B 141 14.35 27.43 3.50
CA SER B 141 15.77 27.54 3.72
C SER B 141 16.45 27.91 2.41
N PRO B 142 17.60 28.62 2.45
CA PRO B 142 18.34 29.01 3.65
C PRO B 142 17.91 30.31 4.30
N GLU B 143 16.86 30.97 3.77
CA GLU B 143 16.36 32.19 4.41
C GLU B 143 16.09 31.97 5.89
N ALA B 144 15.49 30.82 6.23
CA ALA B 144 15.38 30.35 7.59
C ALA B 144 16.09 29.02 7.71
N HIS B 145 16.58 28.73 8.91
CA HIS B 145 17.19 27.46 9.27
C HIS B 145 16.31 26.76 10.30
N PHE B 146 16.63 25.50 10.58
CA PHE B 146 16.02 24.80 11.71
C PHE B 146 16.11 25.68 12.95
N PRO B 147 15.06 25.78 13.76
CA PRO B 147 13.76 25.10 13.70
C PRO B 147 12.59 26.02 13.31
N VAL B 148 12.86 27.04 12.50
CA VAL B 148 11.83 28.04 12.20
C VAL B 148 10.60 27.38 11.57
N ALA B 149 10.80 26.58 10.51
CA ALA B 149 9.65 26.03 9.79
C ALA B 149 8.87 25.03 10.62
N ILE B 150 9.55 24.18 11.39
CA ILE B 150 8.82 23.22 12.21
C ILE B 150 8.07 23.90 13.34
N ASN B 151 8.57 25.06 13.81
CA ASN B 151 7.80 25.85 14.76
C ASN B 151 6.56 26.43 14.12
N GLN B 152 6.69 26.99 12.92
CA GLN B 152 5.51 27.49 12.20
C GLN B 152 4.51 26.39 11.98
N ALA B 153 4.99 25.20 11.60
CA ALA B 153 4.10 24.07 11.35
C ALA B 153 3.33 23.69 12.61
N TYR B 154 4.02 23.62 13.75
CA TYR B 154 3.36 23.29 15.00
C TYR B 154 2.35 24.37 15.40
N GLU B 155 2.75 25.65 15.32
CA GLU B 155 1.83 26.70 15.72
C GLU B 155 0.59 26.71 14.83
N ALA B 156 0.75 26.48 13.53
CA ALA B 156 -0.41 26.41 12.65
C ALA B 156 -1.30 25.22 13.00
N THR B 157 -0.69 24.08 13.37
CA THR B 157 -1.45 22.91 13.77
C THR B 157 -2.27 23.19 15.03
N LYS B 158 -1.64 23.84 16.01
CA LYS B 158 -2.32 24.24 17.23
C LYS B 158 -3.47 25.20 16.92
N TRP B 159 -3.25 26.12 15.99
CA TRP B 159 -4.31 27.06 15.63
C TRP B 159 -5.50 26.32 15.03
N VAL B 160 -5.27 25.38 14.11
CA VAL B 160 -6.38 24.64 13.53
C VAL B 160 -7.09 23.82 14.60
N ALA B 161 -6.34 23.17 15.50
CA ALA B 161 -6.98 22.40 16.56
C ALA B 161 -7.91 23.25 17.42
N GLU B 162 -7.50 24.47 17.71
CA GLU B 162 -8.23 25.33 18.65
C GLU B 162 -9.23 26.24 17.96
N HIS B 163 -8.95 26.69 16.74
CA HIS B 163 -9.75 27.68 16.04
C HIS B 163 -10.32 27.15 14.74
N GLY B 164 -10.19 25.86 14.45
CA GLY B 164 -10.53 25.33 13.15
C GLY B 164 -11.97 25.57 12.73
N GLN B 165 -12.89 25.78 13.67
CA GLN B 165 -14.25 26.10 13.28
C GLN B 165 -14.29 27.33 12.38
N GLU B 166 -13.34 28.24 12.56
CA GLU B 166 -13.29 29.45 11.74
C GLU B 166 -13.05 29.16 10.27
N ILE B 167 -12.49 27.99 9.93
CA ILE B 167 -12.32 27.59 8.53
C ILE B 167 -13.19 26.39 8.19
N GLY B 168 -14.26 26.16 8.95
CA GLY B 168 -15.18 25.08 8.65
C GLY B 168 -14.66 23.69 8.95
N VAL B 169 -13.72 23.56 9.89
CA VAL B 169 -13.16 22.26 10.21
C VAL B 169 -13.32 21.95 11.69
N ASP B 170 -13.43 20.66 11.99
CA ASP B 170 -13.45 20.15 13.35
C ASP B 170 -12.00 19.88 13.74
N GLY B 171 -11.41 20.82 14.47
CA GLY B 171 -10.02 20.73 14.84
C GLY B 171 -9.71 19.59 15.78
N SER B 172 -10.73 18.97 16.36
CA SER B 172 -10.51 17.78 17.18
C SER B 172 -10.28 16.52 16.37
N ARG B 173 -10.55 16.55 15.06
CA ARG B 173 -10.31 15.41 14.16
C ARG B 173 -9.28 15.87 13.13
N LEU B 174 -8.01 15.76 13.50
CA LEU B 174 -6.93 16.44 12.81
C LEU B 174 -5.81 15.46 12.50
N GLY B 175 -5.44 15.38 11.22
CA GLY B 175 -4.31 14.59 10.80
C GLY B 175 -3.14 15.48 10.39
N LEU B 176 -1.99 14.83 10.13
CA LEU B 176 -0.76 15.47 9.67
C LEU B 176 -0.27 14.69 8.47
N VAL B 177 -0.11 15.37 7.34
CA VAL B 177 0.29 14.74 6.08
C VAL B 177 1.41 15.55 5.47
N GLY B 178 2.37 14.87 4.84
CA GLY B 178 3.42 15.59 4.17
C GLY B 178 4.32 14.68 3.36
N ASN B 179 4.93 15.21 2.32
CA ASN B 179 5.84 14.47 1.45
C ASN B 179 7.29 14.90 1.65
N SER B 180 8.17 13.90 1.78
N SER B 180 8.19 13.91 1.73
CA SER B 180 9.63 14.14 1.79
CA SER B 180 9.62 14.15 1.77
C SER B 180 10.02 14.90 3.06
C SER B 180 9.99 14.91 3.05
N VAL B 181 10.60 16.09 2.95
CA VAL B 181 10.85 16.87 4.16
C VAL B 181 9.53 17.25 4.84
N GLY B 182 8.43 17.26 4.09
CA GLY B 182 7.12 17.45 4.69
C GLY B 182 6.70 16.26 5.54
N GLY B 183 7.12 15.06 5.15
CA GLY B 183 6.92 13.91 6.01
C GLY B 183 7.78 13.96 7.26
N ASN B 184 9.01 14.46 7.13
CA ASN B 184 9.83 14.80 8.30
C ASN B 184 9.07 15.77 9.21
N MET B 185 8.46 16.78 8.61
CA MET B 185 7.73 17.81 9.35
C MET B 185 6.54 17.22 10.11
N VAL B 186 5.87 16.23 9.51
CA VAL B 186 4.82 15.49 10.22
C VAL B 186 5.36 14.94 11.54
N ALA B 187 6.47 14.22 11.46
CA ALA B 187 7.03 13.64 12.66
C ALA B 187 7.46 14.72 13.65
N SER B 188 8.02 15.82 13.14
N SER B 188 8.05 15.81 13.15
CA SER B 188 8.49 16.91 14.00
CA SER B 188 8.48 16.90 14.02
C SER B 188 7.33 17.56 14.74
C SER B 188 7.29 17.49 14.77
N VAL B 189 6.21 17.79 14.05
CA VAL B 189 5.03 18.37 14.70
C VAL B 189 4.44 17.38 15.69
N ALA B 190 4.37 16.09 15.34
CA ALA B 190 3.83 15.12 16.27
C ALA B 190 4.67 15.04 17.54
N LEU B 191 5.99 15.12 17.41
CA LEU B 191 6.85 15.03 18.59
C LEU B 191 6.74 16.30 19.44
N GLN B 192 6.59 17.48 18.82
CA GLN B 192 6.31 18.69 19.59
C GLN B 192 5.00 18.56 20.33
N ALA B 193 3.96 18.08 19.65
CA ALA B 193 2.65 17.95 20.29
C ALA B 193 2.71 17.00 21.48
N LYS B 194 3.48 15.92 21.36
N LYS B 194 3.47 15.92 21.37
CA LYS B 194 3.63 15.02 22.50
CA LYS B 194 3.62 15.04 22.51
C LYS B 194 4.31 15.72 23.67
C LYS B 194 4.29 15.77 23.68
N GLN B 195 5.39 16.46 23.40
CA GLN B 195 6.13 17.12 24.46
C GLN B 195 5.31 18.21 25.12
N PHE B 196 4.47 18.90 24.35
CA PHE B 196 3.72 20.07 24.82
C PHE B 196 2.28 19.73 25.22
N ASN B 197 1.92 18.46 25.25
CA ASN B 197 0.59 18.01 25.68
C ASN B 197 -0.54 18.49 24.78
N GLY B 198 -0.31 18.48 23.48
CA GLY B 198 -1.39 18.68 22.54
C GLY B 198 -0.91 19.50 21.38
N PRO B 199 -1.75 19.65 20.36
CA PRO B 199 -3.07 19.05 20.23
C PRO B 199 -3.08 17.58 19.87
N LYS B 200 -4.22 16.93 20.09
CA LYS B 200 -4.40 15.54 19.71
C LYS B 200 -4.41 15.40 18.19
N ILE B 201 -3.78 14.33 17.72
CA ILE B 201 -3.62 14.04 16.31
C ILE B 201 -4.19 12.66 16.03
N ARG B 202 -5.12 12.58 15.09
CA ARG B 202 -5.76 11.31 14.76
C ARG B 202 -4.84 10.39 13.95
N TYR B 203 -4.06 10.94 13.02
CA TYR B 203 -3.35 10.12 12.06
C TYR B 203 -2.26 10.92 11.38
N ASN B 204 -1.12 10.27 11.14
CA ASN B 204 -0.01 10.82 10.39
C ASN B 204 0.11 10.05 9.08
N VAL B 205 0.31 10.77 7.97
CA VAL B 205 0.70 10.15 6.70
C VAL B 205 2.03 10.75 6.30
N MET B 206 3.06 9.94 6.36
CA MET B 206 4.42 10.34 5.98
C MET B 206 4.70 9.75 4.61
N LEU B 207 4.67 10.60 3.59
CA LEU B 207 4.86 10.18 2.20
C LEU B 207 6.34 10.30 1.86
N TRP B 208 6.98 9.15 1.64
CA TRP B 208 8.40 9.02 1.29
C TRP B 208 9.23 10.01 2.10
N PRO B 209 9.23 9.90 3.43
CA PRO B 209 9.80 10.94 4.29
C PRO B 209 11.32 10.90 4.38
N VAL B 210 11.87 12.07 4.72
CA VAL B 210 13.21 12.19 5.26
C VAL B 210 13.13 11.93 6.76
N THR B 211 13.97 11.02 7.30
CA THR B 211 13.96 10.80 8.73
C THR B 211 15.31 10.91 9.44
N ASP B 212 16.41 11.09 8.72
CA ASP B 212 17.73 11.13 9.37
C ASP B 212 18.71 11.94 8.53
N ALA B 213 19.50 12.77 9.20
CA ALA B 213 20.61 13.49 8.56
C ALA B 213 21.84 12.58 8.46
N ASN B 214 21.72 11.53 7.65
CA ASN B 214 22.79 10.60 7.36
C ASN B 214 22.58 10.15 5.93
N PHE B 215 23.66 9.71 5.27
CA PHE B 215 23.67 9.53 3.82
C PHE B 215 24.28 8.19 3.41
N ASP B 216 24.18 7.19 4.29
CA ASP B 216 24.94 5.96 4.14
C ASP B 216 24.10 4.71 4.30
N THR B 217 22.77 4.82 4.24
CA THR B 217 21.96 3.62 4.21
C THR B 217 22.17 2.87 2.90
N ALA B 218 21.75 1.60 2.89
CA ALA B 218 21.88 0.81 1.68
C ALA B 218 21.15 1.47 0.51
N SER B 219 19.95 2.00 0.73
CA SER B 219 19.23 2.65 -0.36
C SER B 219 19.91 3.94 -0.81
N TYR B 220 20.55 4.69 0.11
CA TYR B 220 21.33 5.84 -0.31
C TYR B 220 22.40 5.44 -1.29
N ASN B 221 23.04 4.29 -1.04
CA ASN B 221 24.11 3.82 -1.91
C ASN B 221 23.56 3.25 -3.22
N GLN B 222 22.46 2.50 -3.15
CA GLN B 222 21.94 1.85 -4.35
C GLN B 222 21.36 2.86 -5.34
N PHE B 223 20.74 3.93 -4.86
CA PHE B 223 20.04 4.89 -5.70
C PHE B 223 20.71 6.26 -5.68
N GLU B 224 22.02 6.26 -5.41
CA GLU B 224 22.80 7.47 -5.20
C GLU B 224 22.65 8.52 -6.30
N ASN B 225 22.66 8.09 -7.57
CA ASN B 225 22.49 8.97 -8.71
C ASN B 225 21.62 8.29 -9.75
N GLY B 226 20.91 9.10 -10.53
CA GLY B 226 20.14 8.62 -11.66
C GLY B 226 18.66 8.41 -11.38
N TYR B 227 18.21 8.62 -10.15
CA TYR B 227 16.83 8.33 -9.75
C TYR B 227 16.12 9.60 -9.28
N PHE B 228 16.40 10.73 -9.94
CA PHE B 228 15.74 12.02 -9.74
C PHE B 228 16.23 12.75 -8.50
N LEU B 229 16.08 12.15 -7.33
CA LEU B 229 16.66 12.67 -6.10
C LEU B 229 18.01 11.99 -5.88
N SER B 230 19.08 12.77 -5.86
CA SER B 230 20.41 12.23 -5.64
C SER B 230 20.87 12.38 -4.20
N LYS B 231 21.89 11.59 -3.83
CA LYS B 231 22.52 11.76 -2.54
C LYS B 231 23.06 13.19 -2.38
N ASN B 232 23.67 13.73 -3.41
CA ASN B 232 24.25 15.07 -3.30
C ASN B 232 23.16 16.14 -3.15
N MET B 233 22.00 15.96 -3.77
CA MET B 233 20.89 16.87 -3.51
C MET B 233 20.49 16.82 -2.03
N MET B 234 20.36 15.62 -1.47
CA MET B 234 20.01 15.50 -0.07
C MET B 234 21.03 16.19 0.84
N LYS B 235 22.31 16.05 0.54
CA LYS B 235 23.31 16.72 1.37
C LYS B 235 23.16 18.22 1.28
N TRP B 236 22.90 18.74 0.07
CA TRP B 236 22.70 20.16 -0.14
C TRP B 236 21.48 20.66 0.62
N PHE B 237 20.38 19.93 0.53
CA PHE B 237 19.18 20.31 1.25
C PHE B 237 19.45 20.40 2.75
N TRP B 238 20.07 19.35 3.32
CA TRP B 238 20.37 19.38 4.75
C TRP B 238 21.32 20.53 5.09
N ASP B 239 22.29 20.82 4.22
CA ASP B 239 23.23 21.90 4.52
C ASP B 239 22.53 23.26 4.51
N ASN B 240 21.53 23.45 3.65
CA ASN B 240 20.76 24.69 3.68
C ASN B 240 19.86 24.78 4.90
N TYR B 241 19.43 23.65 5.44
CA TYR B 241 18.53 23.61 6.58
C TYR B 241 19.26 23.87 7.88
N THR B 242 20.30 23.08 8.17
CA THR B 242 21.15 23.33 9.32
C THR B 242 22.41 22.49 9.20
N THR B 243 23.57 23.10 9.43
CA THR B 243 24.83 22.37 9.45
C THR B 243 25.26 21.98 10.86
N SER B 244 24.42 22.25 11.86
CA SER B 244 24.76 21.95 13.24
C SER B 244 24.64 20.47 13.53
N ALA B 245 25.72 19.87 14.05
CA ALA B 245 25.66 18.48 14.47
C ALA B 245 24.63 18.28 15.56
N ALA B 246 24.47 19.24 16.46
CA ALA B 246 23.49 19.09 17.52
C ALA B 246 22.08 19.10 16.95
N ASP B 247 21.79 20.02 16.03
CA ASP B 247 20.49 20.03 15.36
C ASP B 247 20.25 18.70 14.66
N ARG B 248 21.26 18.18 13.97
CA ARG B 248 21.07 16.93 13.24
C ARG B 248 20.85 15.76 14.19
N ASN B 249 21.26 15.86 15.45
CA ASN B 249 21.04 14.85 16.46
C ASN B 249 19.78 15.10 17.27
N ASN B 250 19.00 16.13 16.91
CA ASN B 250 17.75 16.50 17.56
C ASN B 250 16.63 15.71 16.90
N ILE B 251 15.77 15.08 17.71
CA ILE B 251 14.71 14.23 17.16
C ILE B 251 13.71 15.01 16.30
N LEU B 252 13.63 16.33 16.46
CA LEU B 252 12.76 17.15 15.64
C LEU B 252 13.33 17.39 14.24
N ALA B 253 14.57 16.99 14.02
CA ALA B 253 15.23 17.01 12.70
C ALA B 253 15.49 15.61 12.18
N SER B 254 16.02 14.73 13.01
CA SER B 254 16.32 13.34 12.65
C SER B 254 15.51 12.42 13.54
N PRO B 255 14.20 12.28 13.29
CA PRO B 255 13.37 11.46 14.17
C PRO B 255 13.77 9.99 14.21
N LEU B 256 14.49 9.50 13.20
CA LEU B 256 15.01 8.14 13.28
C LEU B 256 15.91 7.94 14.49
N ARG B 257 16.51 9.00 15.01
CA ARG B 257 17.42 8.89 16.15
C ARG B 257 16.69 8.86 17.48
N ALA B 258 15.37 8.97 17.50
CA ALA B 258 14.63 8.91 18.75
C ALA B 258 14.65 7.50 19.33
N SER B 259 14.70 7.42 20.65
CA SER B 259 14.62 6.15 21.33
C SER B 259 13.18 5.66 21.35
N THR B 260 13.02 4.39 21.72
CA THR B 260 11.68 3.84 21.91
C THR B 260 10.87 4.69 22.86
N ALA B 261 11.47 5.12 23.99
CA ALA B 261 10.72 5.91 24.95
C ALA B 261 10.31 7.26 24.38
N GLN B 262 11.16 7.84 23.52
CA GLN B 262 10.82 9.11 22.88
C GLN B 262 9.72 8.95 21.84
N LEU B 263 9.54 7.76 21.28
CA LEU B 263 8.49 7.54 20.29
C LEU B 263 7.19 7.02 20.87
N LYS B 264 7.19 6.53 22.12
CA LYS B 264 5.97 6.03 22.71
C LYS B 264 4.90 7.12 22.71
N GLY B 265 3.69 6.76 22.28
CA GLY B 265 2.60 7.71 22.22
C GLY B 265 2.50 8.51 20.93
N PHE B 266 3.41 8.29 19.97
CA PHE B 266 3.29 8.93 18.66
C PHE B 266 1.94 8.56 18.05
N PRO B 267 1.36 9.46 17.25
CA PRO B 267 0.07 9.15 16.63
C PRO B 267 0.14 7.94 15.69
N GLU B 268 -1.03 7.32 15.50
CA GLU B 268 -1.14 6.27 14.48
C GLU B 268 -0.68 6.80 13.14
N THR B 269 0.07 5.97 12.40
CA THR B 269 0.84 6.47 11.27
C THR B 269 0.78 5.51 10.09
N LEU B 270 0.73 6.11 8.90
CA LEU B 270 1.00 5.43 7.65
C LEU B 270 2.26 6.03 7.05
N ILE B 271 3.21 5.18 6.63
CA ILE B 271 4.40 5.59 5.90
C ILE B 271 4.34 4.93 4.54
N GLN B 272 4.43 5.74 3.48
CA GLN B 272 4.66 5.19 2.14
C GLN B 272 6.13 5.41 1.78
N THR B 273 6.74 4.38 1.21
CA THR B 273 8.08 4.56 0.67
C THR B 273 8.11 4.15 -0.81
N ALA B 274 9.08 4.72 -1.52
CA ALA B 274 9.35 4.38 -2.91
C ALA B 274 10.47 3.37 -2.99
N GLU B 275 10.30 2.35 -3.84
CA GLU B 275 11.30 1.29 -3.91
C GLU B 275 12.67 1.83 -4.33
N LEU B 276 12.72 2.80 -5.24
CA LEU B 276 13.99 3.29 -5.80
C LEU B 276 14.23 4.73 -5.37
N ASP B 277 14.42 4.90 -4.07
CA ASP B 277 14.54 6.20 -3.40
C ASP B 277 15.66 6.07 -2.38
N VAL B 278 16.61 7.01 -2.41
CA VAL B 278 17.66 7.01 -1.40
C VAL B 278 17.08 6.99 0.01
N LEU B 279 15.92 7.63 0.20
CA LEU B 279 15.29 7.75 1.51
C LEU B 279 14.49 6.52 1.92
N ARG B 280 14.36 5.53 1.04
CA ARG B 280 13.49 4.41 1.35
C ARG B 280 13.84 3.75 2.69
N ASP B 281 15.11 3.42 2.89
CA ASP B 281 15.47 2.61 4.04
C ASP B 281 15.22 3.35 5.36
N GLU B 282 15.53 4.64 5.40
CA GLU B 282 15.30 5.38 6.64
C GLU B 282 13.82 5.55 6.94
N GLY B 283 12.99 5.62 5.90
CA GLY B 283 11.55 5.69 6.14
C GLY B 283 11.01 4.37 6.68
N GLU B 284 11.43 3.25 6.08
CA GLU B 284 11.01 1.94 6.56
C GLU B 284 11.56 1.66 7.96
N ALA B 285 12.81 2.04 8.20
CA ALA B 285 13.39 1.84 9.53
C ALA B 285 12.63 2.64 10.58
N PHE B 286 12.21 3.86 10.25
CA PHE B 286 11.45 4.65 11.20
C PHE B 286 10.14 3.94 11.56
N GLY B 287 9.49 3.34 10.56
CA GLY B 287 8.27 2.60 10.83
C GLY B 287 8.49 1.46 11.80
N ARG B 288 9.60 0.73 11.65
CA ARG B 288 9.91 -0.35 12.57
C ARG B 288 10.11 0.17 13.99
N LYS B 289 10.78 1.31 14.13
CA LYS B 289 10.98 1.91 15.45
C LYS B 289 9.65 2.32 16.07
N LEU B 290 8.75 2.89 15.28
CA LEU B 290 7.43 3.23 15.80
C LEU B 290 6.71 1.99 16.33
N ASP B 291 6.72 0.90 15.54
CA ASP B 291 6.02 -0.30 15.99
C ASP B 291 6.62 -0.85 17.28
N ALA B 292 7.96 -0.79 17.41
CA ALA B 292 8.60 -1.26 18.64
C ALA B 292 8.21 -0.42 19.84
N ALA B 293 7.80 0.82 19.61
CA ALA B 293 7.33 1.70 20.67
C ALA B 293 5.83 1.60 20.90
N GLY B 294 5.16 0.60 20.34
CA GLY B 294 3.76 0.42 20.57
C GLY B 294 2.85 1.29 19.72
N VAL B 295 3.39 2.00 18.74
CA VAL B 295 2.61 2.91 17.89
C VAL B 295 1.93 2.09 16.81
N PRO B 296 0.62 2.22 16.60
CA PRO B 296 0.00 1.59 15.42
C PRO B 296 0.54 2.22 14.13
N VAL B 297 1.19 1.40 13.30
CA VAL B 297 1.88 1.93 12.14
C VAL B 297 1.81 0.93 11.01
N THR B 298 1.56 1.46 9.81
CA THR B 298 1.57 0.70 8.56
C THR B 298 2.67 1.28 7.67
N VAL B 299 3.50 0.40 7.10
CA VAL B 299 4.56 0.79 6.18
C VAL B 299 4.32 0.09 4.85
N THR B 300 4.08 0.87 3.79
N THR B 300 4.13 0.87 3.79
CA THR B 300 3.83 0.35 2.46
CA THR B 300 3.82 0.37 2.46
C THR B 300 4.91 0.85 1.52
C THR B 300 4.88 0.86 1.48
N ARG B 301 5.63 -0.07 0.89
CA ARG B 301 6.58 0.23 -0.17
C ARG B 301 5.89 0.07 -1.51
N TYR B 302 5.95 1.09 -2.35
CA TYR B 302 5.39 1.05 -3.70
C TYR B 302 6.53 0.76 -4.68
N ASN B 303 6.45 -0.41 -5.31
CA ASN B 303 7.52 -0.84 -6.17
C ASN B 303 7.56 -0.05 -7.48
N GLY B 304 8.76 0.06 -8.03
CA GLY B 304 8.98 0.69 -9.30
C GLY B 304 8.99 2.20 -9.28
N MET B 305 8.81 2.80 -8.11
CA MET B 305 8.66 4.23 -7.94
C MET B 305 9.97 4.89 -7.53
N ILE B 306 10.10 6.14 -7.94
CA ILE B 306 11.14 7.05 -7.45
C ILE B 306 10.60 7.94 -6.34
N HIS B 307 11.51 8.59 -5.63
CA HIS B 307 11.14 9.65 -4.72
C HIS B 307 10.16 10.62 -5.35
N ASP B 308 9.18 11.07 -4.54
CA ASP B 308 8.24 12.10 -4.98
C ASP B 308 7.35 11.61 -6.12
N TYR B 309 7.15 10.29 -6.21
CA TYR B 309 6.25 9.76 -7.25
C TYR B 309 4.88 10.45 -7.22
N GLY B 310 4.35 10.73 -6.03
CA GLY B 310 3.03 11.35 -5.94
C GLY B 310 3.01 12.85 -6.07
N LEU B 311 4.18 13.49 -6.07
CA LEU B 311 4.28 14.93 -6.27
C LEU B 311 4.41 15.29 -7.75
N LEU B 312 5.33 14.65 -8.46
CA LEU B 312 5.76 15.13 -9.77
C LEU B 312 4.58 15.05 -10.75
N ASN B 313 4.16 16.21 -11.27
CA ASN B 313 3.00 16.21 -12.14
C ASN B 313 3.20 15.40 -13.42
N PRO B 314 4.40 15.26 -13.98
CA PRO B 314 4.56 14.35 -15.12
C PRO B 314 4.20 12.90 -14.81
N LEU B 315 4.19 12.50 -13.54
CA LEU B 315 3.85 11.14 -13.14
C LEU B 315 2.42 11.00 -12.61
N SER B 316 1.60 12.03 -12.75
CA SER B 316 0.28 12.01 -12.13
C SER B 316 -0.68 11.02 -12.78
N GLN B 317 -0.39 10.50 -13.97
CA GLN B 317 -1.20 9.46 -14.57
C GLN B 317 -0.55 8.08 -14.47
N GLU B 318 0.57 7.96 -13.78
CA GLU B 318 1.17 6.65 -13.55
C GLU B 318 0.20 5.81 -12.73
N PRO B 319 -0.08 4.56 -13.13
CA PRO B 319 -1.08 3.78 -12.39
C PRO B 319 -0.80 3.69 -10.90
N THR B 320 0.45 3.42 -10.54
CA THR B 320 0.82 3.31 -9.12
C THR B 320 0.57 4.59 -8.37
N VAL B 321 0.82 5.75 -8.99
CA VAL B 321 0.60 7.03 -8.32
C VAL B 321 -0.87 7.20 -7.97
N LYS B 322 -1.75 6.95 -8.93
CA LYS B 322 -3.18 7.16 -8.70
C LYS B 322 -3.66 6.24 -7.59
N VAL B 323 -3.22 4.98 -7.59
CA VAL B 323 -3.61 4.04 -6.55
C VAL B 323 -3.02 4.43 -5.20
N ALA B 324 -1.73 4.78 -5.16
CA ALA B 324 -1.10 5.11 -3.89
C ALA B 324 -1.80 6.26 -3.20
N LEU B 325 -2.18 7.28 -3.94
CA LEU B 325 -2.80 8.46 -3.35
C LEU B 325 -4.23 8.17 -2.95
N GLU B 326 -4.96 7.39 -3.74
CA GLU B 326 -6.27 6.92 -3.30
C GLU B 326 -6.15 6.14 -2.00
N GLN B 327 -5.13 5.28 -1.90
CA GLN B 327 -4.95 4.45 -0.71
C GLN B 327 -4.56 5.27 0.52
N ALA B 328 -3.72 6.28 0.34
CA ALA B 328 -3.40 7.17 1.45
C ALA B 328 -4.65 7.90 1.91
N GLY B 329 -5.45 8.37 0.97
CA GLY B 329 -6.68 9.06 1.33
C GLY B 329 -7.68 8.17 2.04
N ALA B 330 -7.81 6.92 1.61
CA ALA B 330 -8.73 5.99 2.26
C ALA B 330 -8.30 5.73 3.69
N ALA B 331 -7.00 5.55 3.94
CA ALA B 331 -6.55 5.36 5.31
C ALA B 331 -6.82 6.59 6.15
N LEU B 332 -6.55 7.78 5.63
CA LEU B 332 -6.85 9.01 6.34
C LEU B 332 -8.33 9.12 6.67
N HIS B 333 -9.19 8.84 5.69
CA HIS B 333 -10.62 8.93 5.93
C HIS B 333 -11.03 8.05 7.11
N GLU B 334 -10.52 6.82 7.16
CA GLU B 334 -10.90 5.90 8.22
C GLU B 334 -10.51 6.42 9.58
N HIS B 335 -9.42 7.16 9.67
CA HIS B 335 -8.90 7.62 10.95
C HIS B 335 -9.41 9.00 11.33
N LEU B 336 -10.13 9.66 10.45
CA LEU B 336 -10.67 10.99 10.74
C LEU B 336 -12.17 10.97 11.02
N LYS B 337 -12.79 9.79 11.08
CA LYS B 337 -14.22 9.68 11.33
C LYS B 337 -14.63 10.15 12.72
#